data_8H55
#
_entry.id   8H55
#
_cell.length_a   42.940
_cell.length_b   88.760
_cell.length_c   118.030
_cell.angle_alpha   90.000
_cell.angle_beta   90.000
_cell.angle_gamma   90.000
#
_symmetry.space_group_name_H-M   'P 1 21 1'
#
loop_
_entity.id
_entity.type
_entity.pdbx_description
1 polymer Angiotensinogen
2 non-polymer 'SULFATE ION'
3 water water
#
_entity_poly.entity_id   1
_entity_poly.type   'polypeptide(L)'
_entity_poly.pdbx_seq_one_letter_code
;NRVYVHPFNLFSSENISCEVIQSEEHKPLETVHPLPPLPGSTDPDPRTASAAESLKNLTQRTAVLAELQNSLGLRMYQTL
SRTQKHTNTLLSPLNAFGALVTLYLGASKKTAISYQQLLGLNLESEQTDCAYFVDGHTVLRTLQAISAHVDESRKELRTL
VWTFVNSDADLSKEFLRGTQDFSDDSFVRSVDFSQAKDAEVEVNNFIQKTSDNKVKSMFKGVTPKTDLLFASSVHFKGNW
KTAFQPEATSDQDFWTQKNSSVQVPFMMHTGDYKYLDDAGRKCSIVRLGLSKRTFMLLVLPHEGASLQDIEKPLLTVIPT
WLRHLKEKYLELSLPKFSLTAVTDLRSVLSEMAVEKYLMGSDASFRRMSSKENFTVDKVLNKVVFEMTEGGSEVQNRTDD
GRAPHKVTFNRPFFFAVVEGNSNAILMLGKIINPTA
;
_entity_poly.pdbx_strand_id   A,B
#
# COMPACT_ATOMS: atom_id res chain seq x y z
N VAL A 3 -2.02 1.28 -8.07
CA VAL A 3 -3.12 0.57 -8.71
C VAL A 3 -3.68 -0.49 -7.76
N TYR A 4 -3.27 -1.75 -7.94
CA TYR A 4 -3.78 -2.81 -7.07
C TYR A 4 -3.57 -2.44 -5.61
N VAL A 5 -4.63 -2.60 -4.82
CA VAL A 5 -4.63 -2.18 -3.42
C VAL A 5 -4.68 -3.41 -2.52
N HIS A 6 -3.94 -3.35 -1.41
CA HIS A 6 -3.88 -4.38 -0.38
C HIS A 6 -3.22 -5.65 -0.91
N PRO A 7 -1.96 -5.57 -1.35
CA PRO A 7 -1.23 -6.78 -1.75
C PRO A 7 -1.27 -7.91 -0.73
N PHE A 8 -1.40 -7.60 0.56
CA PHE A 8 -1.45 -8.64 1.57
C PHE A 8 -2.43 -9.74 1.19
N ASN A 9 -3.54 -9.37 0.56
CA ASN A 9 -4.59 -10.34 0.29
C ASN A 9 -4.17 -11.41 -0.72
N LEU A 10 -3.12 -11.16 -1.50
CA LEU A 10 -2.64 -12.14 -2.46
C LEU A 10 -1.81 -13.24 -1.80
N PHE A 11 -1.34 -13.04 -0.57
CA PHE A 11 -0.38 -13.93 0.06
C PHE A 11 -0.81 -14.35 1.45
N SER A 12 -2.11 -14.43 1.68
CA SER A 12 -2.67 -14.97 2.92
C SER A 12 -3.78 -15.95 2.59
N SER A 13 -4.12 -16.79 3.56
CA SER A 13 -5.25 -17.67 3.42
C SER A 13 -6.52 -16.86 3.14
N GLU A 14 -7.51 -17.53 2.53
CA GLU A 14 -8.78 -16.86 2.27
C GLU A 14 -9.52 -16.55 3.57
N ASN A 15 -9.25 -17.30 4.64
CA ASN A 15 -9.85 -17.05 5.95
C ASN A 15 -8.78 -16.36 6.79
N ILE A 16 -8.78 -15.03 6.71
CA ILE A 16 -7.81 -14.21 7.41
C ILE A 16 -8.25 -14.03 8.86
N SER A 17 -7.29 -13.89 9.76
CA SER A 17 -7.59 -13.66 11.16
C SER A 17 -6.54 -12.75 11.76
N CYS A 18 -6.98 -11.93 12.70
CA CYS A 18 -6.10 -11.03 13.46
C CYS A 18 -5.49 -11.83 14.61
N GLU A 19 -4.28 -12.35 14.40
CA GLU A 19 -3.63 -13.18 15.41
C GLU A 19 -3.00 -12.32 16.50
N VAL A 20 -3.08 -12.81 17.74
CA VAL A 20 -2.58 -12.04 18.89
C VAL A 20 -1.06 -11.96 18.82
N ILE A 21 -0.53 -10.74 18.92
CA ILE A 21 0.91 -10.53 18.75
C ILE A 21 1.68 -11.18 19.90
N GLN A 22 1.26 -10.91 21.13
CA GLN A 22 1.91 -11.44 22.33
C GLN A 22 0.94 -12.36 23.05
N SER A 23 0.92 -13.63 22.66
CA SER A 23 0.03 -14.60 23.26
C SER A 23 0.53 -15.02 24.64
N GLU A 24 -0.41 -15.22 25.56
CA GLU A 24 -0.04 -15.70 26.89
C GLU A 24 0.54 -17.11 26.81
N GLU A 25 0.11 -17.91 25.83
CA GLU A 25 0.60 -19.25 25.61
C GLU A 25 1.40 -19.31 24.32
N HIS A 26 2.56 -19.93 24.37
CA HIS A 26 3.43 -20.05 23.20
C HIS A 26 3.11 -21.33 22.44
N LYS A 27 3.05 -21.21 21.11
CA LYS A 27 2.74 -22.38 20.29
C LYS A 27 3.97 -23.27 20.16
N PRO A 28 3.80 -24.59 20.13
CA PRO A 28 4.96 -25.47 19.96
C PRO A 28 5.69 -25.17 18.66
N LEU A 29 7.02 -25.29 18.71
CA LEU A 29 7.86 -25.00 17.56
C LEU A 29 8.53 -26.28 17.10
N GLU A 30 8.29 -26.67 15.85
CA GLU A 30 8.86 -27.86 15.26
C GLU A 30 10.21 -27.52 14.65
N THR A 31 11.26 -28.21 15.08
CA THR A 31 12.62 -27.89 14.67
C THR A 31 13.34 -29.14 14.19
N VAL A 32 14.56 -28.94 13.71
CA VAL A 32 15.42 -30.02 13.24
C VAL A 32 16.74 -29.95 14.00
N HIS A 33 17.18 -31.08 14.51
CA HIS A 33 18.49 -31.22 15.13
C HIS A 33 18.77 -32.72 15.22
N PRO A 34 19.94 -33.19 14.74
CA PRO A 34 21.10 -32.43 14.30
C PRO A 34 21.04 -31.97 12.85
N LEU A 35 21.64 -30.81 12.56
CA LEU A 35 21.84 -30.38 11.19
C LEU A 35 23.12 -30.98 10.63
N PRO A 36 23.21 -31.23 9.33
CA PRO A 36 24.43 -31.81 8.76
C PRO A 36 25.65 -30.99 9.10
N PRO A 37 26.67 -31.58 9.73
CA PRO A 37 27.90 -30.85 9.99
C PRO A 37 28.54 -30.35 8.70
N LEU A 38 29.19 -29.19 8.80
CA LEU A 38 29.87 -28.60 7.64
C LEU A 38 31.02 -29.45 7.17
N PRO A 39 31.83 -30.04 8.04
CA PRO A 39 33.01 -30.78 7.57
C PRO A 39 32.80 -31.66 6.35
N GLY A 40 31.91 -32.65 6.42
CA GLY A 40 31.85 -33.65 5.37
C GLY A 40 30.55 -33.77 4.60
N SER A 41 29.83 -32.67 4.37
CA SER A 41 28.61 -32.68 3.58
C SER A 41 28.64 -31.54 2.57
N THR A 42 28.95 -31.88 1.31
CA THR A 42 29.00 -30.91 0.22
C THR A 42 27.79 -31.00 -0.71
N ASP A 43 27.01 -32.06 -0.61
CA ASP A 43 25.88 -32.22 -1.52
C ASP A 43 24.75 -31.25 -1.17
N PRO A 44 24.08 -30.68 -2.18
CA PRO A 44 22.91 -29.85 -1.89
C PRO A 44 21.91 -30.56 -0.98
N ASP A 45 21.17 -29.76 -0.22
CA ASP A 45 20.11 -30.30 0.62
C ASP A 45 19.10 -31.04 -0.27
N PRO A 46 18.69 -32.25 0.10
CA PRO A 46 17.76 -32.99 -0.76
C PRO A 46 16.40 -32.30 -0.84
N ARG A 47 15.82 -32.33 -2.04
CA ARG A 47 14.57 -31.64 -2.33
C ARG A 47 13.43 -32.64 -2.50
N THR A 48 12.23 -32.19 -2.15
CA THR A 48 11.03 -33.00 -2.31
C THR A 48 10.15 -32.43 -3.42
N ALA A 52 4.59 -30.54 -6.12
CA ALA A 52 3.81 -29.83 -5.12
C ALA A 52 2.75 -28.95 -5.78
N GLU A 53 1.67 -28.69 -5.06
CA GLU A 53 0.54 -27.97 -5.62
C GLU A 53 0.96 -26.59 -6.10
N SER A 54 0.81 -26.35 -7.41
CA SER A 54 1.25 -25.10 -8.02
C SER A 54 0.38 -23.94 -7.54
N LEU A 55 0.88 -22.72 -7.78
CA LEU A 55 0.21 -21.51 -7.34
C LEU A 55 -0.92 -21.14 -8.30
N LYS A 56 -2.03 -20.66 -7.74
CA LYS A 56 -3.29 -20.56 -8.48
C LYS A 56 -3.49 -19.22 -9.16
N ASN A 57 -2.95 -18.14 -8.63
CA ASN A 57 -3.13 -16.82 -9.20
C ASN A 57 -1.78 -16.26 -9.64
N LEU A 58 -1.02 -17.06 -10.38
CA LEU A 58 0.40 -16.81 -10.54
C LEU A 58 0.67 -15.48 -11.22
N THR A 59 -0.05 -15.16 -12.29
CA THR A 59 0.29 -13.98 -13.08
C THR A 59 0.16 -12.70 -12.26
N GLN A 60 -0.93 -12.57 -11.50
CA GLN A 60 -1.12 -11.36 -10.70
C GLN A 60 -0.21 -11.36 -9.47
N ARG A 61 -0.02 -12.53 -8.85
CA ARG A 61 0.89 -12.59 -7.71
C ARG A 61 2.30 -12.20 -8.10
N THR A 62 2.76 -12.61 -9.29
CA THR A 62 4.12 -12.31 -9.69
C THR A 62 4.28 -10.86 -10.14
N ALA A 63 3.27 -10.30 -10.81
CA ALA A 63 3.34 -8.89 -11.19
C ALA A 63 3.31 -8.00 -9.95
N VAL A 64 2.48 -8.35 -8.96
CA VAL A 64 2.38 -7.54 -7.75
C VAL A 64 3.64 -7.67 -6.91
N LEU A 65 4.17 -8.88 -6.79
CA LEU A 65 5.39 -9.07 -6.00
C LEU A 65 6.59 -8.41 -6.67
N ALA A 66 6.58 -8.30 -7.99
CA ALA A 66 7.67 -7.62 -8.69
C ALA A 66 7.70 -6.14 -8.35
N GLU A 67 6.52 -5.53 -8.21
CA GLU A 67 6.45 -4.14 -7.77
C GLU A 67 7.00 -4.00 -6.36
N LEU A 68 6.65 -4.91 -5.48
CA LEU A 68 7.10 -4.80 -4.10
C LEU A 68 8.61 -4.92 -3.99
N GLN A 69 9.19 -5.89 -4.68
CA GLN A 69 10.63 -6.12 -4.62
C GLN A 69 11.38 -5.02 -5.33
N ASN A 70 10.77 -4.44 -6.35
CA ASN A 70 11.38 -3.31 -7.01
C ASN A 70 11.45 -2.09 -6.10
N SER A 71 10.39 -1.84 -5.35
CA SER A 71 10.36 -0.70 -4.46
C SER A 71 11.41 -0.89 -3.40
N LEU A 72 11.42 -2.05 -2.79
CA LEU A 72 12.45 -2.33 -1.80
C LEU A 72 13.84 -2.23 -2.41
N GLY A 73 14.02 -2.80 -3.60
CA GLY A 73 15.34 -2.82 -4.20
C GLY A 73 15.86 -1.42 -4.49
N LEU A 74 15.02 -0.58 -5.09
CA LEU A 74 15.42 0.79 -5.37
C LEU A 74 15.72 1.54 -4.09
N ARG A 75 14.92 1.34 -3.05
CA ARG A 75 15.19 2.00 -1.77
C ARG A 75 16.54 1.56 -1.22
N MET A 76 16.81 0.26 -1.22
CA MET A 76 18.08 -0.23 -0.70
C MET A 76 19.24 0.22 -1.57
N TYR A 77 19.06 0.23 -2.89
CA TYR A 77 20.13 0.69 -3.78
C TYR A 77 20.45 2.16 -3.52
N GLN A 78 19.40 3.00 -3.45
CA GLN A 78 19.62 4.42 -3.21
C GLN A 78 20.42 4.64 -1.94
N THR A 79 20.09 3.91 -0.88
CA THR A 79 20.86 4.01 0.36
C THR A 79 22.29 3.55 0.16
N LEU A 80 22.47 2.34 -0.37
CA LEU A 80 23.81 1.80 -0.57
C LEU A 80 24.67 2.73 -1.41
N SER A 81 24.17 3.16 -2.56
CA SER A 81 24.96 3.98 -3.47
C SER A 81 25.44 5.26 -2.77
N ARG A 82 24.56 5.91 -2.01
CA ARG A 82 24.94 7.14 -1.32
C ARG A 82 26.15 6.93 -0.42
N THR A 83 26.29 5.75 0.17
CA THR A 83 27.41 5.48 1.06
C THR A 83 28.69 5.11 0.32
N GLN A 84 28.63 4.96 -1.01
CA GLN A 84 29.80 4.63 -1.81
C GLN A 84 29.62 5.28 -3.19
N LYS A 85 29.71 6.61 -3.21
CA LYS A 85 29.49 7.34 -4.46
C LYS A 85 30.46 6.92 -5.55
N HIS A 86 31.69 6.56 -5.17
CA HIS A 86 32.78 6.38 -6.12
C HIS A 86 33.23 4.93 -6.23
N THR A 87 32.36 3.99 -5.86
CA THR A 87 32.64 2.57 -5.97
C THR A 87 31.61 1.92 -6.88
N ASN A 88 32.06 0.92 -7.65
CA ASN A 88 31.13 0.08 -8.38
C ASN A 88 30.13 -0.53 -7.40
N THR A 89 28.85 -0.48 -7.75
CA THR A 89 27.79 -0.97 -6.88
C THR A 89 26.95 -2.00 -7.62
N LEU A 90 26.50 -3.02 -6.88
CA LEU A 90 25.63 -4.05 -7.44
C LEU A 90 24.76 -4.63 -6.34
N LEU A 91 23.45 -4.61 -6.56
CA LEU A 91 22.49 -5.12 -5.59
C LEU A 91 21.39 -5.86 -6.33
N SER A 92 20.82 -6.86 -5.68
CA SER A 92 19.76 -7.66 -6.27
C SER A 92 18.47 -7.49 -5.48
N PRO A 93 17.47 -6.80 -6.02
CA PRO A 93 16.18 -6.75 -5.31
C PRO A 93 15.59 -8.13 -5.10
N LEU A 94 15.76 -9.03 -6.07
CA LEU A 94 15.21 -10.37 -5.97
C LEU A 94 15.71 -11.08 -4.72
N ASN A 95 17.03 -11.19 -4.57
CA ASN A 95 17.61 -11.94 -3.45
C ASN A 95 17.54 -11.17 -2.14
N ALA A 96 17.46 -9.84 -2.19
CA ALA A 96 17.24 -9.08 -0.96
C ALA A 96 15.85 -9.34 -0.40
N PHE A 97 14.83 -9.22 -1.26
CA PHE A 97 13.46 -9.55 -0.85
C PHE A 97 13.37 -10.98 -0.34
N GLY A 98 13.94 -11.92 -1.08
CA GLY A 98 13.85 -13.32 -0.68
C GLY A 98 14.53 -13.60 0.63
N ALA A 99 15.69 -12.98 0.86
CA ALA A 99 16.39 -13.15 2.12
C ALA A 99 15.52 -12.71 3.29
N LEU A 100 14.88 -11.54 3.16
CA LEU A 100 14.10 -11.00 4.28
C LEU A 100 12.86 -11.84 4.53
N VAL A 101 12.17 -12.27 3.46
CA VAL A 101 10.96 -13.08 3.65
C VAL A 101 11.32 -14.44 4.22
N THR A 102 12.47 -15.01 3.81
CA THR A 102 12.91 -16.27 4.38
C THR A 102 13.19 -16.11 5.88
N LEU A 103 13.84 -15.02 6.26
CA LEU A 103 14.05 -14.75 7.68
C LEU A 103 12.74 -14.43 8.39
N TYR A 104 11.77 -13.87 7.68
CA TYR A 104 10.47 -13.58 8.27
C TYR A 104 9.85 -14.83 8.88
N LEU A 105 10.17 -16.00 8.32
CA LEU A 105 9.56 -17.25 8.79
C LEU A 105 10.01 -17.62 10.18
N GLY A 106 11.20 -17.17 10.60
CA GLY A 106 11.69 -17.43 11.93
C GLY A 106 11.43 -16.33 12.93
N ALA A 107 10.82 -15.22 12.50
CA ALA A 107 10.64 -14.07 13.37
C ALA A 107 9.49 -14.29 14.35
N SER A 108 9.66 -13.74 15.54
CA SER A 108 8.52 -13.56 16.43
C SER A 108 7.45 -12.73 15.75
N LYS A 109 6.21 -12.88 16.21
CA LYS A 109 5.11 -12.15 15.58
C LYS A 109 5.35 -10.64 15.61
N LYS A 110 5.85 -10.13 16.73
CA LYS A 110 6.12 -8.69 16.82
C LYS A 110 7.15 -8.27 15.78
N THR A 111 8.26 -8.99 15.70
CA THR A 111 9.29 -8.68 14.71
C THR A 111 8.76 -8.90 13.29
N ALA A 112 7.94 -9.93 13.10
CA ALA A 112 7.40 -10.20 11.78
C ALA A 112 6.59 -9.02 11.24
N ILE A 113 5.95 -8.26 12.12
CA ILE A 113 5.23 -7.07 11.68
C ILE A 113 6.19 -6.08 11.04
N SER A 114 7.36 -5.88 11.65
CA SER A 114 8.34 -4.96 11.10
C SER A 114 8.80 -5.41 9.71
N TYR A 115 8.98 -6.71 9.52
CA TYR A 115 9.33 -7.22 8.20
C TYR A 115 8.25 -6.88 7.19
N GLN A 116 6.99 -7.19 7.52
CA GLN A 116 5.89 -6.90 6.59
C GLN A 116 5.85 -5.43 6.22
N GLN A 117 6.02 -4.53 7.20
CA GLN A 117 5.94 -3.10 6.92
C GLN A 117 7.01 -2.67 5.94
N LEU A 118 8.26 -3.07 6.17
CA LEU A 118 9.32 -2.76 5.22
C LEU A 118 8.98 -3.29 3.84
N LEU A 119 8.43 -4.52 3.78
CA LEU A 119 8.22 -5.19 2.50
C LEU A 119 6.98 -4.71 1.76
N GLY A 120 6.12 -3.93 2.39
CA GLY A 120 4.89 -3.51 1.77
C GLY A 120 3.78 -4.53 1.80
N LEU A 121 3.85 -5.49 2.75
CA LEU A 121 2.87 -6.57 2.83
C LEU A 121 2.04 -6.50 4.10
N ASN A 122 2.04 -5.36 4.79
CA ASN A 122 1.31 -5.23 6.04
C ASN A 122 -0.13 -4.80 5.78
N LEU A 123 -1.04 -5.35 6.57
CA LEU A 123 -2.43 -4.91 6.59
C LEU A 123 -2.63 -4.13 7.89
N GLU A 124 -2.76 -2.82 7.78
CA GLU A 124 -2.89 -1.95 8.94
C GLU A 124 -4.29 -2.08 9.52
N SER A 125 -4.42 -2.83 10.61
CA SER A 125 -5.56 -2.66 11.49
C SER A 125 -5.28 -1.53 12.47
N GLU A 126 -6.35 -0.95 13.00
CA GLU A 126 -6.22 0.02 14.07
C GLU A 126 -6.33 -0.64 15.44
N GLN A 127 -6.02 -1.93 15.52
CA GLN A 127 -5.93 -2.67 16.77
C GLN A 127 -4.46 -2.88 17.12
N THR A 128 -4.20 -3.07 18.41
CA THR A 128 -2.85 -3.14 18.92
C THR A 128 -2.46 -4.50 19.47
N ASP A 129 -3.42 -5.39 19.73
CA ASP A 129 -3.14 -6.70 20.27
C ASP A 129 -3.03 -7.78 19.21
N CYS A 130 -3.45 -7.49 17.98
CA CYS A 130 -3.49 -8.49 16.92
C CYS A 130 -3.01 -7.85 15.62
N ALA A 131 -2.71 -8.69 14.64
CA ALA A 131 -2.26 -8.22 13.34
C ALA A 131 -2.39 -9.34 12.32
N TYR A 132 -2.19 -8.97 11.06
CA TYR A 132 -2.40 -9.87 9.92
C TYR A 132 -1.05 -10.27 9.34
N PHE A 133 -0.87 -11.58 9.14
CA PHE A 133 0.41 -12.16 8.74
C PHE A 133 0.27 -12.85 7.40
N VAL A 134 1.23 -12.61 6.49
CA VAL A 134 1.23 -13.26 5.19
C VAL A 134 1.72 -14.69 5.35
N ASP A 135 1.47 -15.49 4.31
CA ASP A 135 2.06 -16.83 4.19
C ASP A 135 3.40 -16.68 3.46
N GLY A 136 4.50 -16.76 4.21
CA GLY A 136 5.80 -16.54 3.63
C GLY A 136 6.12 -17.53 2.53
N HIS A 137 5.60 -18.75 2.63
CA HIS A 137 5.82 -19.74 1.60
C HIS A 137 5.20 -19.30 0.28
N THR A 138 4.00 -18.72 0.33
CA THR A 138 3.37 -18.21 -0.87
C THR A 138 4.19 -17.08 -1.49
N VAL A 139 4.75 -16.20 -0.66
CA VAL A 139 5.57 -15.11 -1.16
C VAL A 139 6.85 -15.65 -1.78
N LEU A 140 7.54 -16.53 -1.06
CA LEU A 140 8.80 -17.07 -1.57
C LEU A 140 8.57 -17.89 -2.83
N ARG A 141 7.52 -18.72 -2.85
CA ARG A 141 7.23 -19.50 -4.04
C ARG A 141 6.87 -18.61 -5.23
N THR A 142 6.26 -17.46 -4.97
CA THR A 142 6.01 -16.51 -6.04
C THR A 142 7.31 -15.88 -6.52
N LEU A 143 8.21 -15.56 -5.59
CA LEU A 143 9.51 -15.03 -5.97
C LEU A 143 10.30 -16.04 -6.80
N GLN A 144 10.28 -17.32 -6.39
CA GLN A 144 10.91 -18.36 -7.18
C GLN A 144 10.33 -18.44 -8.59
N ALA A 145 9.02 -18.21 -8.72
CA ALA A 145 8.38 -18.27 -10.02
C ALA A 145 8.96 -17.21 -10.96
N ILE A 146 9.21 -16.01 -10.45
CA ILE A 146 9.83 -14.97 -11.27
C ILE A 146 11.25 -15.37 -11.66
N SER A 147 12.02 -15.84 -10.68
CA SER A 147 13.38 -16.29 -10.96
C SER A 147 13.39 -17.41 -11.98
N ALA A 148 12.54 -18.42 -11.78
CA ALA A 148 12.56 -19.60 -12.63
C ALA A 148 12.19 -19.27 -14.07
N HIS A 149 11.22 -18.37 -14.26
CA HIS A 149 10.75 -18.07 -15.60
C HIS A 149 11.80 -17.35 -16.44
N VAL A 150 12.79 -16.73 -15.81
CA VAL A 150 13.85 -16.06 -16.57
C VAL A 150 14.57 -17.07 -17.44
N ASP A 151 15.02 -18.18 -16.85
CA ASP A 151 15.60 -19.28 -17.61
C ASP A 151 15.42 -20.56 -16.79
N GLU A 152 14.52 -21.44 -17.24
CA GLU A 152 14.24 -22.65 -16.49
C GLU A 152 15.43 -23.59 -16.47
N SER A 153 16.30 -23.50 -17.48
CA SER A 153 17.50 -24.34 -17.48
C SER A 153 18.48 -23.95 -16.39
N ARG A 154 18.36 -22.72 -15.86
CA ARG A 154 19.21 -22.24 -14.77
C ARG A 154 20.65 -22.03 -15.24
N LYS A 155 20.79 -21.38 -16.40
CA LYS A 155 22.07 -20.90 -16.91
C LYS A 155 22.14 -19.39 -16.96
N GLU A 156 21.12 -18.74 -17.50
CA GLU A 156 21.10 -17.28 -17.57
C GLU A 156 20.82 -16.67 -16.21
N LEU A 157 20.28 -17.46 -15.27
CA LEU A 157 20.05 -17.00 -13.91
C LEU A 157 19.99 -18.22 -13.01
N ARG A 158 20.80 -18.20 -11.95
CA ARG A 158 20.87 -19.30 -11.00
C ARG A 158 21.06 -18.73 -9.61
N THR A 159 20.36 -19.30 -8.63
CA THR A 159 20.41 -18.81 -7.27
C THR A 159 20.79 -19.93 -6.32
N LEU A 160 21.46 -19.56 -5.23
CA LEU A 160 21.86 -20.49 -4.19
C LEU A 160 21.61 -19.85 -2.84
N VAL A 161 21.26 -20.67 -1.85
CA VAL A 161 20.98 -20.21 -0.50
C VAL A 161 21.80 -21.04 0.47
N TRP A 162 22.52 -20.37 1.37
CA TRP A 162 23.29 -21.00 2.41
C TRP A 162 22.77 -20.56 3.77
N THR A 163 22.84 -21.47 4.74
CA THR A 163 22.60 -21.10 6.13
C THR A 163 23.50 -21.95 7.01
N PHE A 164 24.18 -21.31 7.95
CA PHE A 164 25.10 -21.96 8.87
C PHE A 164 24.65 -21.68 10.29
N VAL A 165 24.39 -22.73 11.05
CA VAL A 165 23.77 -22.63 12.37
C VAL A 165 24.74 -23.15 13.42
N ASN A 166 24.82 -22.41 14.54
CA ASN A 166 25.53 -22.91 15.71
C ASN A 166 25.11 -24.34 16.01
N SER A 167 26.10 -25.23 16.10
CA SER A 167 25.81 -26.66 16.22
C SER A 167 25.00 -26.98 17.47
N ASP A 168 25.03 -26.10 18.48
CA ASP A 168 24.28 -26.34 19.71
C ASP A 168 22.81 -25.97 19.59
N ALA A 169 22.35 -25.55 18.41
CA ALA A 169 21.01 -25.01 18.24
C ALA A 169 20.22 -25.81 17.22
N ASP A 170 18.93 -25.98 17.48
CA ASP A 170 18.01 -26.56 16.51
C ASP A 170 17.51 -25.46 15.57
N LEU A 171 16.89 -25.88 14.47
CA LEU A 171 16.45 -24.96 13.43
C LEU A 171 15.02 -25.27 13.01
N SER A 172 14.22 -24.22 12.86
CA SER A 172 12.80 -24.39 12.56
C SER A 172 12.62 -25.04 11.20
N LYS A 173 11.72 -26.03 11.13
CA LYS A 173 11.41 -26.67 9.87
C LYS A 173 10.69 -25.72 8.92
N GLU A 174 9.97 -24.74 9.46
CA GLU A 174 9.36 -23.72 8.61
C GLU A 174 10.43 -22.91 7.89
N PHE A 175 11.50 -22.57 8.59
CA PHE A 175 12.59 -21.83 7.97
C PHE A 175 13.31 -22.70 6.94
N LEU A 176 13.66 -23.93 7.32
CA LEU A 176 14.26 -24.85 6.35
C LEU A 176 13.41 -24.94 5.10
N ARG A 177 12.09 -25.01 5.26
CA ARG A 177 11.20 -25.06 4.11
C ARG A 177 11.33 -23.81 3.27
N GLY A 178 11.50 -22.65 3.91
CA GLY A 178 11.65 -21.41 3.17
C GLY A 178 12.89 -21.41 2.29
N THR A 179 13.99 -21.99 2.80
CA THR A 179 15.20 -22.05 2.01
C THR A 179 15.03 -22.91 0.76
N GLN A 180 13.95 -23.69 0.68
CA GLN A 180 13.63 -24.45 -0.52
C GLN A 180 12.47 -23.85 -1.31
N ASP A 181 11.67 -22.97 -0.70
CA ASP A 181 10.64 -22.27 -1.45
C ASP A 181 11.22 -21.35 -2.51
N PHE A 182 12.41 -20.77 -2.28
CA PHE A 182 12.92 -19.76 -3.21
C PHE A 182 14.30 -20.00 -3.81
N SER A 183 15.08 -20.96 -3.34
CA SER A 183 16.37 -21.17 -3.97
C SER A 183 16.28 -22.17 -5.11
N ASP A 184 17.33 -22.20 -5.96
CA ASP A 184 17.49 -23.29 -6.90
C ASP A 184 18.24 -24.47 -6.29
N ASP A 185 19.06 -24.20 -5.27
CA ASP A 185 19.73 -25.21 -4.47
C ASP A 185 20.05 -24.57 -3.13
N SER A 186 20.07 -25.39 -2.07
CA SER A 186 20.22 -24.86 -0.73
C SER A 186 21.18 -25.71 0.08
N PHE A 187 21.83 -25.09 1.05
CA PHE A 187 22.76 -25.76 1.95
C PHE A 187 22.52 -25.22 3.36
N VAL A 188 22.04 -26.08 4.25
CA VAL A 188 21.85 -25.72 5.65
C VAL A 188 22.73 -26.64 6.48
N ARG A 189 23.70 -26.07 7.17
CA ARG A 189 24.69 -26.84 7.90
C ARG A 189 24.87 -26.29 9.31
N SER A 190 25.30 -27.17 10.21
CA SER A 190 25.73 -26.78 11.54
C SER A 190 27.21 -26.46 11.52
N VAL A 191 27.62 -25.57 12.43
CA VAL A 191 29.01 -25.17 12.57
C VAL A 191 29.30 -24.95 14.05
N ASP A 192 30.42 -25.47 14.52
CA ASP A 192 30.91 -25.16 15.86
C ASP A 192 31.74 -23.89 15.77
N PHE A 193 31.22 -22.80 16.30
CA PHE A 193 31.85 -21.49 16.18
C PHE A 193 32.87 -21.24 17.29
N SER A 194 33.18 -22.24 18.11
CA SER A 194 34.15 -22.10 19.18
C SER A 194 35.42 -21.44 18.69
N GLN A 195 36.16 -22.12 17.81
CA GLN A 195 37.33 -21.53 17.15
C GLN A 195 36.81 -20.68 16.00
N ALA A 196 36.56 -19.40 16.27
CA ALA A 196 35.79 -18.57 15.35
C ALA A 196 36.55 -18.32 14.06
N LYS A 197 37.83 -17.91 14.16
CA LYS A 197 38.61 -17.65 12.97
C LYS A 197 38.70 -18.91 12.10
N ASP A 198 38.78 -20.08 12.73
CA ASP A 198 38.78 -21.33 11.97
C ASP A 198 37.40 -21.63 11.41
N ALA A 199 36.35 -21.46 12.21
CA ALA A 199 34.99 -21.63 11.71
C ALA A 199 34.74 -20.73 10.51
N GLU A 200 35.24 -19.49 10.55
CA GLU A 200 35.01 -18.56 9.46
C GLU A 200 35.67 -19.03 8.17
N VAL A 201 36.84 -19.66 8.27
CA VAL A 201 37.52 -20.13 7.08
C VAL A 201 36.79 -21.33 6.48
N GLU A 202 36.35 -22.26 7.31
CA GLU A 202 35.61 -23.42 6.82
C GLU A 202 34.34 -22.98 6.11
N VAL A 203 33.59 -22.04 6.71
CA VAL A 203 32.35 -21.56 6.10
C VAL A 203 32.64 -20.98 4.73
N ASN A 204 33.56 -20.03 4.65
CA ASN A 204 33.86 -19.38 3.38
C ASN A 204 34.35 -20.39 2.35
N ASN A 205 35.17 -21.35 2.77
CA ASN A 205 35.64 -22.37 1.84
C ASN A 205 34.48 -23.25 1.37
N PHE A 206 33.54 -23.55 2.25
CA PHE A 206 32.35 -24.30 1.84
C PHE A 206 31.60 -23.56 0.74
N ILE A 207 31.47 -22.24 0.88
CA ILE A 207 30.75 -21.46 -0.13
C ILE A 207 31.49 -21.49 -1.45
N GLN A 208 32.82 -21.44 -1.43
CA GLN A 208 33.58 -21.55 -2.67
C GLN A 208 33.44 -22.94 -3.28
N LYS A 209 33.51 -23.98 -2.46
CA LYS A 209 33.40 -25.35 -2.98
C LYS A 209 32.09 -25.53 -3.73
N THR A 210 31.00 -25.19 -3.04
CA THR A 210 29.73 -25.14 -3.70
C THR A 210 29.94 -23.89 -4.48
N SER A 211 29.18 -23.61 -5.49
CA SER A 211 29.33 -22.33 -6.20
C SER A 211 30.66 -22.01 -6.88
N ASP A 212 31.13 -20.77 -6.78
CA ASP A 212 32.29 -20.30 -7.51
C ASP A 212 33.49 -19.89 -6.70
N ASN A 213 34.42 -19.20 -7.34
CA ASN A 213 35.58 -18.64 -6.69
C ASN A 213 35.57 -17.11 -6.67
N LYS A 214 34.46 -16.50 -7.11
CA LYS A 214 34.39 -15.06 -7.29
C LYS A 214 34.36 -14.30 -5.96
N VAL A 215 33.91 -14.94 -4.88
CA VAL A 215 33.93 -14.37 -3.54
C VAL A 215 34.55 -15.43 -2.62
N LYS A 216 35.79 -15.18 -2.17
CA LYS A 216 36.53 -16.15 -1.39
C LYS A 216 36.44 -15.93 0.11
N SER A 217 36.10 -14.72 0.55
CA SER A 217 35.91 -14.42 1.96
C SER A 217 34.53 -13.77 2.15
N MET A 218 33.49 -14.53 1.85
CA MET A 218 32.12 -14.03 1.98
C MET A 218 31.88 -13.40 3.34
N PHE A 219 32.09 -14.16 4.40
CA PHE A 219 31.81 -13.71 5.76
C PHE A 219 33.08 -13.23 6.43
N LYS A 220 33.04 -12.01 6.98
CA LYS A 220 34.12 -11.45 7.76
C LYS A 220 33.58 -11.05 9.13
N GLY A 221 34.33 -11.35 10.18
CA GLY A 221 33.94 -10.96 11.52
C GLY A 221 33.07 -11.95 12.25
N VAL A 222 33.25 -13.24 12.02
CA VAL A 222 32.52 -14.25 12.79
C VAL A 222 33.08 -14.29 14.21
N THR A 223 32.19 -14.36 15.18
CA THR A 223 32.54 -14.47 16.59
C THR A 223 32.26 -15.87 17.09
N PRO A 224 32.70 -16.20 18.30
CA PRO A 224 32.33 -17.51 18.88
C PRO A 224 30.86 -17.60 19.27
N LYS A 225 30.15 -16.47 19.37
CA LYS A 225 28.79 -16.44 19.87
C LYS A 225 27.74 -16.41 18.76
N THR A 226 28.13 -16.55 17.50
CA THR A 226 27.14 -16.43 16.44
C THR A 226 26.22 -17.64 16.44
N ASP A 227 24.94 -17.39 16.16
CA ASP A 227 23.94 -18.44 16.08
C ASP A 227 23.59 -18.81 14.65
N LEU A 228 23.46 -17.84 13.75
CA LEU A 228 23.08 -18.10 12.37
C LEU A 228 23.78 -17.14 11.43
N LEU A 229 24.34 -17.70 10.36
CA LEU A 229 24.85 -16.93 9.23
C LEU A 229 24.04 -17.30 8.00
N PHE A 230 23.56 -16.29 7.28
CA PHE A 230 22.73 -16.49 6.09
C PHE A 230 23.37 -15.80 4.90
N ALA A 231 23.50 -16.53 3.79
CA ALA A 231 24.01 -15.96 2.55
C ALA A 231 23.29 -16.62 1.38
N SER A 232 22.99 -15.80 0.37
CA SER A 232 22.41 -16.25 -0.88
C SER A 232 23.24 -15.71 -2.02
N SER A 233 23.00 -16.22 -3.23
CA SER A 233 23.67 -15.71 -4.41
C SER A 233 22.72 -15.77 -5.59
N VAL A 234 22.75 -14.73 -6.41
CA VAL A 234 22.02 -14.69 -7.68
C VAL A 234 23.04 -14.39 -8.77
N HIS A 235 23.10 -15.25 -9.77
CA HIS A 235 24.12 -15.18 -10.82
C HIS A 235 23.40 -15.06 -12.16
N PHE A 236 23.49 -13.88 -12.77
CA PHE A 236 23.00 -13.68 -14.13
C PHE A 236 24.16 -13.86 -15.10
N LYS A 237 23.87 -14.48 -16.24
CA LYS A 237 24.90 -14.75 -17.25
C LYS A 237 24.29 -14.55 -18.63
N GLY A 238 24.78 -13.54 -19.35
CA GLY A 238 24.41 -13.33 -20.73
C GLY A 238 25.63 -13.32 -21.62
N ASN A 239 25.51 -12.78 -22.83
CA ASN A 239 26.58 -12.83 -23.81
C ASN A 239 26.56 -11.53 -24.62
N TRP A 240 27.65 -10.76 -24.52
CA TRP A 240 27.71 -9.45 -25.17
C TRP A 240 27.55 -9.56 -26.68
N LYS A 241 28.08 -10.63 -27.28
CA LYS A 241 28.07 -10.76 -28.73
C LYS A 241 26.65 -10.80 -29.27
N THR A 242 25.78 -11.60 -28.65
CA THR A 242 24.41 -11.72 -29.13
C THR A 242 23.51 -10.60 -28.60
N ALA A 243 23.82 -10.06 -27.42
CA ALA A 243 22.96 -9.04 -26.83
C ALA A 243 23.26 -7.67 -27.41
N PHE A 244 24.53 -7.37 -27.70
CA PHE A 244 24.92 -6.06 -28.20
C PHE A 244 25.29 -6.06 -29.67
N GLN A 245 25.69 -7.20 -30.24
CA GLN A 245 26.05 -7.30 -31.64
C GLN A 245 27.11 -6.26 -32.00
N PRO A 246 28.28 -6.33 -31.37
CA PRO A 246 29.30 -5.28 -31.59
C PRO A 246 29.80 -5.25 -33.02
N GLU A 247 29.74 -4.07 -33.63
CA GLU A 247 30.30 -3.87 -34.96
C GLU A 247 31.77 -3.45 -34.92
N ALA A 248 32.19 -2.80 -33.83
CA ALA A 248 33.58 -2.39 -33.66
C ALA A 248 33.95 -2.55 -32.19
N THR A 249 35.19 -2.95 -31.93
CA THR A 249 35.66 -3.15 -30.56
C THR A 249 37.11 -2.70 -30.45
N SER A 250 37.39 -1.90 -29.43
CA SER A 250 38.73 -1.38 -29.19
C SER A 250 38.81 -0.87 -27.76
N ASP A 251 40.02 -0.66 -27.29
CA ASP A 251 40.24 0.00 -26.00
C ASP A 251 40.00 1.50 -26.16
N GLN A 252 39.26 2.08 -25.22
CA GLN A 252 38.97 3.51 -25.25
C GLN A 252 38.98 4.06 -23.83
N ASP A 253 39.00 5.39 -23.73
CA ASP A 253 38.95 6.04 -22.44
C ASP A 253 37.63 5.74 -21.73
N PHE A 254 37.72 5.51 -20.41
CA PHE A 254 36.56 5.60 -19.53
C PHE A 254 36.95 6.49 -18.37
N TRP A 255 36.23 7.61 -18.22
CA TRP A 255 36.57 8.62 -17.23
C TRP A 255 35.90 8.25 -15.91
N THR A 256 36.66 7.61 -15.02
CA THR A 256 36.15 7.36 -13.67
C THR A 256 35.96 8.68 -12.93
N GLN A 257 36.86 9.64 -13.16
CA GLN A 257 36.71 11.00 -12.64
C GLN A 257 37.14 11.96 -13.75
N LYS A 258 37.07 13.26 -13.45
CA LYS A 258 37.31 14.26 -14.48
C LYS A 258 38.75 14.20 -15.00
N ASN A 259 39.71 13.85 -14.15
CA ASN A 259 41.11 13.75 -14.53
C ASN A 259 41.67 12.37 -14.21
N SER A 260 40.88 11.32 -14.50
CA SER A 260 41.29 9.96 -14.19
C SER A 260 40.73 9.05 -15.28
N SER A 261 41.60 8.62 -16.20
CA SER A 261 41.21 7.82 -17.34
C SER A 261 41.59 6.36 -17.15
N VAL A 262 40.77 5.47 -17.70
CA VAL A 262 41.02 4.04 -17.69
C VAL A 262 40.77 3.52 -19.11
N GLN A 263 41.78 2.87 -19.69
CA GLN A 263 41.61 2.23 -20.99
C GLN A 263 40.93 0.89 -20.81
N VAL A 264 39.76 0.73 -21.43
CA VAL A 264 38.95 -0.48 -21.25
C VAL A 264 38.39 -0.91 -22.59
N PRO A 265 38.08 -2.20 -22.73
CA PRO A 265 37.46 -2.67 -23.99
C PRO A 265 36.07 -2.07 -24.17
N PHE A 266 35.87 -1.39 -25.29
CA PHE A 266 34.60 -0.78 -25.63
C PHE A 266 33.93 -1.56 -26.76
N MET A 267 32.65 -1.30 -26.95
CA MET A 267 31.88 -1.84 -28.06
C MET A 267 31.07 -0.72 -28.69
N MET A 268 30.76 -0.87 -29.96
CA MET A 268 29.96 0.10 -30.69
C MET A 268 28.98 -0.63 -31.59
N HIS A 269 27.75 -0.11 -31.65
CA HIS A 269 26.72 -0.64 -32.55
C HIS A 269 25.89 0.52 -33.06
N THR A 270 25.57 0.47 -34.35
CA THR A 270 24.68 1.45 -34.97
C THR A 270 23.38 0.76 -35.33
N GLY A 271 22.29 1.21 -34.72
CA GLY A 271 21.00 0.57 -34.89
C GLY A 271 19.98 1.25 -34.01
N ASP A 272 18.72 1.03 -34.35
CA ASP A 272 17.63 1.63 -33.60
C ASP A 272 17.58 1.06 -32.19
N TYR A 273 17.49 1.96 -31.20
CA TYR A 273 17.36 1.59 -29.81
C TYR A 273 16.18 2.33 -29.20
N LYS A 274 15.56 1.74 -28.19
CA LYS A 274 14.57 2.44 -27.39
C LYS A 274 15.29 3.40 -26.45
N TYR A 275 15.09 4.69 -26.65
CA TYR A 275 15.96 5.71 -26.09
C TYR A 275 15.15 6.93 -25.71
N LEU A 276 15.69 7.72 -24.79
CA LEU A 276 15.05 8.96 -24.37
C LEU A 276 16.10 9.88 -23.76
N ASP A 277 16.19 11.09 -24.28
CA ASP A 277 16.98 12.15 -23.65
C ASP A 277 16.05 12.96 -22.74
N ASP A 278 16.21 12.79 -21.43
CA ASP A 278 15.45 13.56 -20.45
C ASP A 278 16.24 14.83 -20.18
N ALA A 279 15.91 15.90 -20.91
CA ALA A 279 16.67 17.14 -20.80
C ALA A 279 16.55 17.74 -19.41
N GLY A 280 15.34 17.74 -18.85
CA GLY A 280 15.13 18.39 -17.57
C GLY A 280 15.93 17.75 -16.45
N ARG A 281 16.07 16.43 -16.48
CA ARG A 281 16.82 15.70 -15.47
C ARG A 281 18.26 15.43 -15.90
N LYS A 282 18.68 15.94 -17.03
CA LYS A 282 20.04 15.75 -17.51
C LYS A 282 20.40 14.29 -17.56
N CYS A 283 19.56 13.50 -18.19
CA CYS A 283 19.80 12.07 -18.28
C CYS A 283 19.47 11.49 -19.61
N SER A 284 20.20 10.46 -19.98
CA SER A 284 19.95 9.80 -21.23
C SER A 284 19.72 8.36 -20.88
N ILE A 285 18.64 7.81 -21.34
CA ILE A 285 18.27 6.43 -21.01
C ILE A 285 18.27 5.61 -22.29
N VAL A 286 18.87 4.42 -22.22
CA VAL A 286 18.96 3.50 -23.35
C VAL A 286 18.45 2.15 -22.89
N ARG A 287 17.55 1.56 -23.69
CA ARG A 287 17.06 0.22 -23.44
C ARG A 287 17.73 -0.75 -24.41
N LEU A 288 18.27 -1.83 -23.86
CA LEU A 288 19.03 -2.80 -24.65
C LEU A 288 18.64 -4.20 -24.21
N GLY A 289 18.33 -5.05 -25.19
CA GLY A 289 17.92 -6.42 -24.87
C GLY A 289 19.12 -7.28 -24.52
N LEU A 290 18.94 -8.11 -23.50
CA LEU A 290 20.00 -8.96 -22.98
C LEU A 290 19.80 -10.44 -23.28
N SER A 291 18.58 -10.95 -23.11
CA SER A 291 18.26 -12.32 -23.48
C SER A 291 16.85 -12.31 -24.06
N LYS A 292 16.24 -13.50 -24.16
CA LYS A 292 14.85 -13.56 -24.58
C LYS A 292 13.92 -12.98 -23.52
N ARG A 293 14.29 -13.11 -22.25
CA ARG A 293 13.39 -12.76 -21.15
C ARG A 293 13.88 -11.60 -20.30
N THR A 294 14.99 -10.95 -20.65
CA THR A 294 15.48 -9.82 -19.87
C THR A 294 15.97 -8.71 -20.79
N PHE A 295 15.96 -7.49 -20.26
CA PHE A 295 16.54 -6.33 -20.92
C PHE A 295 17.31 -5.53 -19.89
N MET A 296 18.23 -4.70 -20.38
CA MET A 296 19.01 -3.81 -19.55
C MET A 296 18.54 -2.37 -19.75
N LEU A 297 18.55 -1.60 -18.67
CA LEU A 297 18.22 -0.18 -18.71
C LEU A 297 19.46 0.60 -18.31
N LEU A 298 19.90 1.49 -19.19
CA LEU A 298 21.15 2.22 -19.04
C LEU A 298 20.86 3.70 -18.90
N VAL A 299 21.37 4.30 -17.82
CA VAL A 299 21.14 5.71 -17.53
C VAL A 299 22.48 6.42 -17.48
N LEU A 300 22.67 7.39 -18.37
CA LEU A 300 23.92 8.12 -18.49
C LEU A 300 23.66 9.60 -18.24
N PRO A 301 24.31 10.23 -17.26
CA PRO A 301 24.13 11.67 -17.08
C PRO A 301 24.68 12.46 -18.26
N HIS A 302 24.08 13.63 -18.50
CA HIS A 302 24.67 14.58 -19.42
C HIS A 302 26.10 14.89 -19.00
N GLU A 303 26.93 15.22 -19.98
CA GLU A 303 28.26 15.73 -19.67
C GLU A 303 28.15 16.91 -18.71
N GLY A 304 29.00 16.92 -17.70
CA GLY A 304 28.98 17.98 -16.70
C GLY A 304 28.01 17.76 -15.56
N ALA A 305 27.16 16.74 -15.62
CA ALA A 305 26.25 16.40 -14.54
C ALA A 305 26.76 15.19 -13.78
N SER A 306 26.41 15.14 -12.50
CA SER A 306 26.92 14.10 -11.61
C SER A 306 25.97 12.90 -11.58
N LEU A 307 26.56 11.70 -11.51
CA LEU A 307 25.74 10.50 -11.43
C LEU A 307 24.90 10.48 -10.17
N GLN A 308 25.47 10.91 -9.04
CA GLN A 308 24.71 10.96 -7.80
C GLN A 308 23.45 11.81 -7.97
N ASP A 309 23.55 12.89 -8.75
CA ASP A 309 22.37 13.72 -9.01
C ASP A 309 21.38 13.00 -9.89
N ILE A 310 21.87 12.26 -10.90
CA ILE A 310 20.97 11.57 -11.82
C ILE A 310 20.26 10.42 -11.12
N GLU A 311 20.89 9.82 -10.11
CA GLU A 311 20.29 8.70 -9.40
C GLU A 311 19.23 9.10 -8.40
N LYS A 312 19.01 10.40 -8.20
CA LYS A 312 18.20 10.84 -7.05
C LYS A 312 16.72 10.54 -7.22
N PRO A 313 16.14 10.59 -8.43
CA PRO A 313 14.72 10.23 -8.57
C PRO A 313 14.47 8.80 -9.02
N LEU A 314 15.41 7.88 -8.76
CA LEU A 314 15.25 6.52 -9.25
C LEU A 314 14.12 5.78 -8.56
N LEU A 315 13.73 6.18 -7.35
CA LEU A 315 12.66 5.48 -6.64
C LEU A 315 11.31 5.61 -7.35
N THR A 316 11.13 6.64 -8.16
CA THR A 316 9.83 6.92 -8.78
C THR A 316 9.87 7.17 -10.27
N VAL A 317 11.04 7.45 -10.86
CA VAL A 317 11.07 7.95 -12.24
C VAL A 317 11.09 6.84 -13.29
N ILE A 318 11.51 5.62 -12.93
CA ILE A 318 11.70 4.58 -13.94
C ILE A 318 10.44 4.36 -14.78
N PRO A 319 9.25 4.17 -14.20
CA PRO A 319 8.06 3.94 -15.05
C PRO A 319 7.84 5.04 -16.07
N THR A 320 7.99 6.30 -15.67
CA THR A 320 7.85 7.40 -16.63
C THR A 320 8.87 7.28 -17.74
N TRP A 321 10.11 6.88 -17.40
CA TRP A 321 11.14 6.73 -18.41
C TRP A 321 10.79 5.60 -19.40
N LEU A 322 10.36 4.45 -18.86
CA LEU A 322 9.88 3.39 -19.74
C LEU A 322 8.68 3.86 -20.56
N ARG A 323 7.76 4.58 -19.92
CA ARG A 323 6.57 5.08 -20.61
C ARG A 323 6.93 5.96 -21.79
N HIS A 324 8.08 6.63 -21.74
CA HIS A 324 8.44 7.63 -22.73
C HIS A 324 9.63 7.24 -23.60
N LEU A 325 10.10 5.99 -23.50
CA LEU A 325 11.12 5.52 -24.41
C LEU A 325 10.59 5.57 -25.84
N LYS A 326 11.49 5.85 -26.79
CA LYS A 326 11.11 5.93 -28.19
C LYS A 326 12.31 5.58 -29.06
N GLU A 327 12.05 4.86 -30.15
CA GLU A 327 13.12 4.40 -31.01
C GLU A 327 13.89 5.57 -31.61
N LYS A 328 15.22 5.50 -31.52
CA LYS A 328 16.09 6.50 -32.12
C LYS A 328 17.30 5.79 -32.73
N TYR A 329 17.69 6.23 -33.92
CA TYR A 329 18.87 5.69 -34.59
C TYR A 329 20.11 6.18 -33.86
N LEU A 330 20.83 5.27 -33.21
CA LEU A 330 21.94 5.62 -32.35
C LEU A 330 23.24 5.03 -32.86
N GLU A 331 24.34 5.71 -32.55
CA GLU A 331 25.69 5.14 -32.57
C GLU A 331 26.07 4.98 -31.09
N LEU A 332 25.89 3.78 -30.57
CA LEU A 332 25.95 3.52 -29.13
C LEU A 332 27.27 2.83 -28.79
N SER A 333 28.04 3.45 -27.91
CA SER A 333 29.30 2.90 -27.45
C SER A 333 29.19 2.55 -25.96
N LEU A 334 29.50 1.31 -25.62
CA LEU A 334 29.31 0.81 -24.27
C LEU A 334 30.54 0.02 -23.82
N PRO A 335 31.01 0.25 -22.59
CA PRO A 335 32.12 -0.58 -22.09
C PRO A 335 31.71 -2.05 -21.96
N LYS A 336 32.65 -2.93 -22.22
CA LYS A 336 32.36 -4.30 -22.02
C LYS A 336 32.56 -4.51 -20.54
N PHE A 337 31.50 -4.84 -19.81
CA PHE A 337 31.62 -4.98 -18.37
C PHE A 337 30.92 -6.14 -17.73
N SER A 338 31.43 -6.55 -16.59
CA SER A 338 30.82 -7.59 -15.81
C SER A 338 31.07 -7.11 -14.38
N LEU A 339 30.29 -7.54 -13.41
CA LEU A 339 30.40 -7.04 -12.04
C LEU A 339 29.91 -7.98 -10.99
N THR A 340 30.67 -8.15 -9.93
CA THR A 340 30.28 -9.00 -8.84
C THR A 340 30.42 -8.19 -7.55
N ALA A 341 29.46 -8.33 -6.67
CA ALA A 341 29.51 -7.65 -5.39
C ALA A 341 28.80 -8.42 -4.30
N VAL A 342 29.05 -8.08 -3.05
CA VAL A 342 28.40 -8.74 -1.92
C VAL A 342 27.61 -7.68 -1.17
N THR A 343 26.30 -7.88 -1.08
CA THR A 343 25.43 -7.00 -0.31
C THR A 343 25.42 -7.45 1.15
N ASP A 344 25.78 -6.56 2.06
CA ASP A 344 25.61 -6.81 3.49
C ASP A 344 24.28 -6.19 3.89
N LEU A 345 23.25 -7.04 4.00
CA LEU A 345 21.90 -6.55 4.19
C LEU A 345 21.75 -5.83 5.53
N ARG A 346 22.39 -6.35 6.58
CA ARG A 346 22.29 -5.71 7.89
C ARG A 346 22.85 -4.29 7.84
N SER A 347 23.99 -4.10 7.17
CA SER A 347 24.58 -2.77 7.09
C SER A 347 23.70 -1.83 6.26
N VAL A 348 23.15 -2.31 5.14
CA VAL A 348 22.27 -1.47 4.34
C VAL A 348 21.02 -1.11 5.13
N LEU A 349 20.39 -2.11 5.76
CA LEU A 349 19.22 -1.83 6.57
C LEU A 349 19.55 -0.90 7.74
N SER A 350 20.79 -0.98 8.24
CA SER A 350 21.21 -0.08 9.31
C SER A 350 21.28 1.37 8.82
N GLU A 351 21.78 1.58 7.60
CA GLU A 351 21.75 2.91 7.01
C GLU A 351 20.32 3.40 6.85
N MET A 352 19.38 2.50 6.62
CA MET A 352 17.98 2.87 6.45
C MET A 352 17.26 3.08 7.78
N ALA A 353 17.91 2.79 8.89
CA ALA A 353 17.40 3.01 10.24
C ALA A 353 16.35 1.98 10.65
N VAL A 354 16.31 0.82 9.97
CA VAL A 354 15.35 -0.23 10.26
C VAL A 354 16.00 -1.51 10.73
N GLU A 355 17.34 -1.57 10.77
CA GLU A 355 18.01 -2.81 11.15
C GLU A 355 17.66 -3.22 12.58
N LYS A 356 17.56 -2.24 13.48
CA LYS A 356 17.36 -2.56 14.89
C LYS A 356 16.12 -3.44 15.09
N TYR A 357 15.13 -3.32 14.22
CA TYR A 357 13.87 -4.04 14.39
C TYR A 357 13.83 -5.37 13.64
N LEU A 358 14.75 -5.59 12.71
CA LEU A 358 14.71 -6.79 11.86
C LEU A 358 15.79 -7.81 12.21
N MET A 359 16.96 -7.37 12.67
CA MET A 359 17.98 -8.31 13.13
C MET A 359 18.73 -7.83 14.37
N GLY A 360 18.44 -6.65 14.89
CA GLY A 360 19.25 -6.04 15.92
C GLY A 360 18.65 -6.16 17.31
N SER A 361 18.92 -5.15 18.14
CA SER A 361 18.56 -5.18 19.55
C SER A 361 17.06 -5.37 19.77
N ASP A 362 16.22 -5.01 18.80
CA ASP A 362 14.78 -5.04 18.98
C ASP A 362 14.12 -6.22 18.26
N ALA A 363 14.91 -7.20 17.81
CA ALA A 363 14.40 -8.31 17.02
C ALA A 363 14.44 -9.60 17.82
N SER A 364 13.36 -10.37 17.74
CA SER A 364 13.27 -11.70 18.32
C SER A 364 13.08 -12.71 17.21
N PHE A 365 13.87 -13.79 17.24
CA PHE A 365 13.72 -14.91 16.31
C PHE A 365 13.31 -16.16 17.08
N ARG A 366 12.34 -16.01 17.98
CA ARG A 366 11.91 -17.12 18.82
C ARG A 366 11.23 -18.23 18.03
N ARG A 367 10.74 -17.93 16.82
CA ARG A 367 10.19 -18.96 15.94
C ARG A 367 11.24 -19.55 15.01
N MET A 368 12.51 -19.22 15.22
CA MET A 368 13.61 -19.76 14.43
C MET A 368 14.28 -20.97 15.08
N SER A 369 14.18 -21.07 16.40
CA SER A 369 14.95 -22.05 17.16
C SER A 369 14.47 -22.03 18.59
N SER A 370 14.73 -23.13 19.30
CA SER A 370 14.44 -23.18 20.73
C SER A 370 15.54 -22.54 21.56
N LYS A 371 16.72 -22.35 20.98
CA LYS A 371 17.83 -21.76 21.72
C LYS A 371 17.48 -20.34 22.15
N GLU A 372 17.71 -20.05 23.42
CA GLU A 372 17.31 -18.76 23.99
C GLU A 372 18.15 -17.64 23.40
N ASN A 373 17.49 -16.52 23.10
CA ASN A 373 18.17 -15.32 22.62
C ASN A 373 18.88 -15.57 21.29
N PHE A 374 18.14 -16.17 20.36
CA PHE A 374 18.69 -16.55 19.06
C PHE A 374 18.86 -15.32 18.18
N THR A 375 20.01 -15.21 17.53
CA THR A 375 20.35 -14.04 16.72
C THR A 375 20.60 -14.44 15.27
N VAL A 376 20.23 -13.54 14.36
CA VAL A 376 20.59 -13.64 12.95
C VAL A 376 21.78 -12.71 12.76
N ASP A 377 22.99 -13.28 12.75
CA ASP A 377 24.19 -12.48 12.92
C ASP A 377 24.64 -11.80 11.64
N LYS A 378 24.49 -12.46 10.49
CA LYS A 378 24.99 -11.91 9.24
C LYS A 378 24.08 -12.34 8.09
N VAL A 379 23.84 -11.43 7.16
CA VAL A 379 22.89 -11.64 6.05
C VAL A 379 23.51 -11.04 4.80
N LEU A 380 23.85 -11.89 3.83
CA LEU A 380 24.63 -11.48 2.68
C LEU A 380 24.00 -11.96 1.38
N ASN A 381 24.06 -11.12 0.35
CA ASN A 381 23.74 -11.51 -1.02
C ASN A 381 25.00 -11.36 -1.86
N LYS A 382 25.52 -12.46 -2.37
CA LYS A 382 26.52 -12.42 -3.43
C LYS A 382 25.79 -12.24 -4.75
N VAL A 383 26.05 -11.13 -5.45
CA VAL A 383 25.37 -10.79 -6.69
C VAL A 383 26.41 -10.80 -7.80
N VAL A 384 26.16 -11.59 -8.84
CA VAL A 384 27.08 -11.75 -9.95
C VAL A 384 26.36 -11.37 -11.24
N PHE A 385 26.86 -10.36 -11.92
CA PHE A 385 26.44 -10.01 -13.28
C PHE A 385 27.59 -10.39 -14.20
N GLU A 386 27.42 -11.47 -14.96
CA GLU A 386 28.45 -11.95 -15.88
C GLU A 386 27.95 -11.82 -17.30
N MET A 387 28.78 -11.24 -18.15
CA MET A 387 28.46 -11.14 -19.56
C MET A 387 29.66 -11.73 -20.31
N THR A 388 29.38 -12.51 -21.34
CA THR A 388 30.45 -13.22 -22.06
C THR A 388 30.77 -12.60 -23.38
N GLU A 389 32.02 -12.65 -23.78
CA GLU A 389 32.41 -12.15 -25.08
C GLU A 389 32.28 -10.66 -25.16
N GLY A 390 32.16 -10.13 -26.36
CA GLY A 390 32.03 -8.70 -26.54
C GLY A 390 33.26 -8.01 -27.10
N GLY A 391 34.35 -8.74 -27.21
CA GLY A 391 35.58 -8.16 -27.72
C GLY A 391 35.83 -8.49 -29.18
N SER A 392 34.94 -9.27 -29.77
CA SER A 392 35.06 -9.58 -31.19
C SER A 392 34.09 -8.75 -31.98
N GLU A 393 34.06 -8.91 -33.28
CA GLU A 393 33.25 -8.05 -34.13
C GLU A 393 32.27 -8.86 -34.98
N VAL A 394 31.14 -8.23 -35.27
CA VAL A 394 30.08 -8.82 -36.10
C VAL A 394 29.83 -7.86 -37.27
N GLN A 395 28.96 -8.26 -38.19
CA GLN A 395 28.79 -7.51 -39.43
C GLN A 395 27.81 -6.35 -39.25
N ASN A 396 27.60 -5.59 -40.32
CA ASN A 396 26.93 -4.30 -40.25
C ASN A 396 25.75 -4.25 -41.21
N ARG A 397 24.61 -3.82 -40.70
CA ARG A 397 23.44 -3.48 -41.51
C ARG A 397 23.32 -1.96 -41.49
N THR A 398 23.88 -1.31 -42.51
CA THR A 398 23.99 0.15 -42.52
C THR A 398 22.81 0.74 -43.28
N ASP A 399 21.99 1.53 -42.58
CA ASP A 399 21.02 2.37 -43.28
C ASP A 399 21.74 3.25 -44.29
N ASP A 400 22.95 3.71 -43.94
CA ASP A 400 23.75 4.54 -44.83
C ASP A 400 23.18 5.94 -44.93
N GLY A 401 21.92 6.05 -45.35
CA GLY A 401 21.30 7.35 -45.51
C GLY A 401 20.72 7.91 -44.22
N ARG A 402 21.27 7.52 -43.08
CA ARG A 402 20.84 8.02 -41.78
C ARG A 402 22.06 8.37 -40.95
N ALA A 403 22.11 9.59 -40.44
CA ALA A 403 23.19 9.98 -39.55
C ALA A 403 22.78 9.58 -38.15
N PRO A 404 23.59 8.74 -37.49
CA PRO A 404 23.14 8.26 -36.19
C PRO A 404 23.36 9.25 -35.06
N HIS A 405 22.63 9.08 -33.95
CA HIS A 405 22.85 9.92 -32.79
C HIS A 405 23.82 9.27 -31.85
N LYS A 406 24.93 9.93 -31.63
CA LYS A 406 25.97 9.38 -30.78
C LYS A 406 25.68 9.38 -29.30
N VAL A 407 25.80 8.21 -28.68
CA VAL A 407 25.62 8.09 -27.24
C VAL A 407 26.78 7.24 -26.77
N THR A 408 27.62 7.79 -25.92
CA THR A 408 28.82 7.08 -25.48
C THR A 408 28.90 6.95 -23.98
N PHE A 409 28.97 5.73 -23.50
CA PHE A 409 28.99 5.46 -22.06
C PHE A 409 30.45 5.40 -21.57
N ASN A 410 31.10 6.57 -21.65
CA ASN A 410 32.49 6.71 -21.21
C ASN A 410 32.60 7.54 -19.93
N ARG A 411 31.52 7.64 -19.17
CA ARG A 411 31.49 8.26 -17.85
C ARG A 411 30.61 7.36 -16.97
N PRO A 412 30.73 7.49 -15.65
CA PRO A 412 29.97 6.60 -14.77
C PRO A 412 28.47 6.62 -15.08
N PHE A 413 27.86 5.45 -15.02
CA PHE A 413 26.46 5.28 -15.41
C PHE A 413 25.78 4.27 -14.50
N PHE A 414 24.45 4.39 -14.44
CA PHE A 414 23.59 3.47 -13.72
C PHE A 414 23.01 2.46 -14.69
N PHE A 415 22.79 1.24 -14.21
CA PHE A 415 22.17 0.20 -15.03
C PHE A 415 21.28 -0.69 -14.17
N ALA A 416 20.30 -1.29 -14.83
CA ALA A 416 19.38 -2.22 -14.19
C ALA A 416 19.05 -3.33 -15.16
N VAL A 417 18.97 -4.56 -14.65
CA VAL A 417 18.63 -5.74 -15.45
C VAL A 417 17.24 -6.19 -15.01
N VAL A 418 16.31 -6.22 -15.95
CA VAL A 418 14.89 -6.42 -15.67
C VAL A 418 14.39 -7.62 -16.48
N GLU A 419 13.68 -8.53 -15.82
CA GLU A 419 12.99 -9.60 -16.54
C GLU A 419 11.65 -9.08 -17.04
N GLY A 420 11.32 -9.38 -18.29
CA GLY A 420 10.22 -8.73 -18.97
C GLY A 420 8.85 -9.34 -18.79
N ASN A 421 8.73 -10.49 -18.13
CA ASN A 421 7.42 -11.09 -17.94
C ASN A 421 6.64 -10.38 -16.82
N SER A 422 7.26 -10.24 -15.65
CA SER A 422 6.67 -9.51 -14.54
C SER A 422 7.36 -8.17 -14.29
N ASN A 423 8.36 -7.81 -15.10
CA ASN A 423 9.06 -6.54 -14.98
C ASN A 423 9.73 -6.38 -13.61
N ALA A 424 10.21 -7.48 -13.05
CA ALA A 424 10.99 -7.42 -11.82
C ALA A 424 12.43 -7.03 -12.13
N ILE A 425 13.02 -6.23 -11.25
CA ILE A 425 14.44 -5.89 -11.35
C ILE A 425 15.24 -7.00 -10.68
N LEU A 426 16.05 -7.70 -11.46
CA LEU A 426 16.85 -8.79 -10.91
C LEU A 426 18.09 -8.26 -10.21
N MET A 427 18.75 -7.25 -10.80
CA MET A 427 19.88 -6.60 -10.17
C MET A 427 20.03 -5.23 -10.79
N LEU A 428 20.55 -4.29 -9.99
CA LEU A 428 20.84 -2.95 -10.48
C LEU A 428 22.09 -2.45 -9.77
N GLY A 429 22.73 -1.46 -10.39
CA GLY A 429 23.98 -0.96 -9.86
C GLY A 429 24.51 0.17 -10.72
N LYS A 430 25.77 0.51 -10.49
CA LYS A 430 26.41 1.58 -11.24
C LYS A 430 27.87 1.22 -11.47
N ILE A 431 28.41 1.74 -12.56
CA ILE A 431 29.76 1.44 -13.01
C ILE A 431 30.58 2.71 -12.86
N ILE A 432 31.52 2.70 -11.92
CA ILE A 432 32.49 3.78 -11.79
C ILE A 432 33.73 3.49 -12.62
N ASN A 433 34.16 2.22 -12.65
CA ASN A 433 35.30 1.78 -13.44
C ASN A 433 35.02 0.37 -13.95
N PRO A 434 34.72 0.20 -15.24
CA PRO A 434 34.29 -1.13 -15.71
C PRO A 434 35.25 -2.26 -15.40
N THR A 435 36.55 -2.01 -15.34
CA THR A 435 37.55 -3.05 -15.13
C THR A 435 38.20 -2.95 -13.75
N ALA A 436 37.50 -2.37 -12.78
CA ALA A 436 38.04 -2.24 -11.43
C ALA A 436 38.05 -3.60 -10.73
N VAL B 5 1.80 -0.37 -9.59
CA VAL B 5 2.17 0.88 -8.94
C VAL B 5 1.46 0.98 -7.59
N HIS B 6 1.94 1.91 -6.76
CA HIS B 6 1.28 2.18 -5.49
C HIS B 6 0.21 3.24 -5.68
N PRO B 7 -0.92 3.15 -4.95
CA PRO B 7 -2.03 4.09 -5.20
C PRO B 7 -1.58 5.54 -5.29
N PHE B 8 -0.50 5.89 -4.60
CA PHE B 8 0.03 7.26 -4.65
C PHE B 8 0.23 7.73 -6.09
N ASN B 9 0.66 6.83 -6.99
CA ASN B 9 1.02 7.25 -8.33
C ASN B 9 -0.19 7.69 -9.16
N LEU B 10 -1.39 7.26 -8.78
CA LEU B 10 -2.60 7.68 -9.47
C LEU B 10 -3.03 9.09 -9.10
N PHE B 11 -2.46 9.66 -8.03
CA PHE B 11 -2.95 10.93 -7.48
C PHE B 11 -1.83 11.95 -7.30
N SER B 12 -0.73 11.82 -8.04
CA SER B 12 0.36 12.77 -7.99
C SER B 12 0.72 13.19 -9.41
N SER B 13 1.50 14.27 -9.51
CA SER B 13 1.99 14.71 -10.80
C SER B 13 2.91 13.65 -11.39
N GLU B 14 2.89 13.52 -12.72
CA GLU B 14 3.78 12.57 -13.37
C GLU B 14 5.24 12.90 -13.12
N ASN B 15 5.55 14.13 -12.74
CA ASN B 15 6.91 14.55 -12.44
C ASN B 15 7.05 14.70 -10.93
N ILE B 16 7.08 13.55 -10.27
CA ILE B 16 7.12 13.48 -8.81
C ILE B 16 8.45 14.05 -8.30
N SER B 17 8.44 14.55 -7.07
CA SER B 17 9.66 14.99 -6.41
C SER B 17 9.58 14.70 -4.93
N CYS B 18 10.69 14.22 -4.38
CA CYS B 18 10.82 14.03 -2.94
C CYS B 18 11.07 15.40 -2.31
N GLU B 19 10.01 16.02 -1.79
CA GLU B 19 10.10 17.39 -1.32
C GLU B 19 10.62 17.45 0.11
N VAL B 20 11.46 18.46 0.37
CA VAL B 20 12.01 18.64 1.71
C VAL B 20 10.89 18.98 2.67
N ILE B 21 10.84 18.25 3.79
CA ILE B 21 9.68 18.35 4.69
C ILE B 21 9.70 19.68 5.43
N GLN B 22 10.84 20.04 6.02
CA GLN B 22 10.98 21.26 6.79
C GLN B 22 11.93 22.19 6.04
N SER B 23 11.38 22.90 5.06
CA SER B 23 12.17 23.86 4.30
C SER B 23 12.69 24.97 5.21
N GLU B 24 13.90 25.44 4.90
CA GLU B 24 14.44 26.59 5.62
C GLU B 24 13.71 27.87 5.23
N GLU B 25 13.50 28.06 3.93
CA GLU B 25 12.72 29.18 3.41
C GLU B 25 11.31 28.70 3.12
N HIS B 26 10.32 29.38 3.69
CA HIS B 26 8.93 28.96 3.60
C HIS B 26 8.26 29.53 2.36
N LYS B 27 7.43 28.71 1.73
CA LYS B 27 6.75 29.10 0.51
C LYS B 27 5.69 30.15 0.82
N PRO B 28 5.45 31.10 -0.08
CA PRO B 28 4.33 32.03 0.12
C PRO B 28 3.02 31.28 0.19
N LEU B 29 2.08 31.82 0.97
CA LEU B 29 0.78 31.21 1.19
C LEU B 29 -0.29 32.15 0.65
N GLU B 30 -0.92 31.77 -0.46
CA GLU B 30 -2.00 32.55 -1.03
C GLU B 30 -3.29 32.25 -0.28
N THR B 31 -3.87 33.27 0.34
CA THR B 31 -5.08 33.13 1.12
C THR B 31 -6.19 34.01 0.56
N VAL B 32 -7.40 33.77 1.04
CA VAL B 32 -8.55 34.62 0.78
C VAL B 32 -8.93 35.32 2.09
N HIS B 33 -9.17 36.61 2.02
CA HIS B 33 -9.63 37.37 3.16
C HIS B 33 -10.04 38.76 2.70
N PRO B 34 -11.15 39.32 3.19
CA PRO B 34 -12.23 38.70 3.98
C PRO B 34 -13.07 37.63 3.26
N LEU B 35 -13.63 36.71 4.06
CA LEU B 35 -14.57 35.68 3.66
C LEU B 35 -16.00 36.17 3.86
N PRO B 36 -16.94 35.78 3.00
CA PRO B 36 -18.33 36.25 3.18
C PRO B 36 -18.82 36.04 4.59
N PRO B 37 -19.52 37.00 5.17
CA PRO B 37 -20.02 36.86 6.54
C PRO B 37 -21.26 35.99 6.57
N LEU B 38 -21.40 35.22 7.64
CA LEU B 38 -22.57 34.37 7.81
C LEU B 38 -23.86 35.17 7.76
N PRO B 39 -24.02 36.25 8.54
CA PRO B 39 -25.31 36.92 8.62
C PRO B 39 -26.03 37.13 7.29
N GLY B 40 -25.40 37.83 6.35
CA GLY B 40 -26.12 38.30 5.18
C GLY B 40 -26.43 37.25 4.14
N SER B 41 -25.53 36.28 3.94
CA SER B 41 -25.66 35.33 2.84
C SER B 41 -26.19 34.00 3.34
N THR B 42 -27.01 33.36 2.49
CA THR B 42 -27.54 32.03 2.78
C THR B 42 -27.48 31.13 1.55
N ASP B 43 -26.76 31.53 0.49
CA ASP B 43 -26.79 30.82 -0.77
C ASP B 43 -25.56 29.92 -0.94
N PRO B 44 -25.69 28.82 -1.66
CA PRO B 44 -24.51 28.02 -1.99
C PRO B 44 -23.44 28.88 -2.66
N ASP B 45 -22.22 28.78 -2.14
CA ASP B 45 -21.13 29.58 -2.66
C ASP B 45 -21.09 29.46 -4.18
N PRO B 46 -20.76 30.54 -4.91
CA PRO B 46 -20.74 30.46 -6.38
C PRO B 46 -19.70 29.48 -6.86
N ARG B 47 -20.14 28.38 -7.46
CA ARG B 47 -19.19 27.39 -7.97
C ARG B 47 -18.36 28.01 -9.09
N THR B 48 -17.10 27.59 -9.17
CA THR B 48 -16.16 28.18 -10.14
C THR B 48 -16.46 27.62 -11.51
N ALA B 49 -17.50 28.17 -12.14
CA ALA B 49 -17.88 27.80 -13.49
C ALA B 49 -17.01 28.55 -14.49
N ALA B 52 -13.45 22.47 -15.15
CA ALA B 52 -12.24 22.41 -15.96
C ALA B 52 -12.12 21.07 -16.67
N GLU B 53 -10.93 20.77 -17.18
CA GLU B 53 -10.71 19.53 -17.92
C GLU B 53 -11.08 18.32 -17.07
N SER B 54 -11.85 17.41 -17.65
CA SER B 54 -12.30 16.23 -16.93
C SER B 54 -11.10 15.40 -16.47
N LEU B 55 -11.35 14.56 -15.47
CA LEU B 55 -10.29 13.73 -14.90
C LEU B 55 -9.97 12.58 -15.83
N LYS B 56 -8.68 12.34 -16.06
CA LYS B 56 -8.25 11.21 -16.88
C LYS B 56 -8.20 9.95 -16.03
N ASN B 57 -8.23 8.80 -16.71
CA ASN B 57 -8.10 7.51 -16.04
C ASN B 57 -9.13 7.35 -14.94
N LEU B 58 -10.36 7.77 -15.22
CA LEU B 58 -11.38 7.88 -14.17
C LEU B 58 -11.71 6.51 -13.58
N THR B 59 -11.93 5.51 -14.43
CA THR B 59 -12.43 4.23 -13.94
C THR B 59 -11.47 3.59 -12.95
N GLN B 60 -10.16 3.71 -13.21
CA GLN B 60 -9.18 3.11 -12.30
C GLN B 60 -9.00 3.95 -11.04
N ARG B 61 -9.02 5.27 -11.18
CA ARG B 61 -8.90 6.13 -10.00
C ARG B 61 -10.05 5.88 -9.03
N THR B 62 -11.28 5.90 -9.52
CA THR B 62 -12.43 5.71 -8.63
C THR B 62 -12.40 4.34 -7.98
N ALA B 63 -12.11 3.30 -8.76
CA ALA B 63 -12.06 1.95 -8.21
C ALA B 63 -11.00 1.84 -7.13
N VAL B 64 -9.80 2.38 -7.37
CA VAL B 64 -8.72 2.28 -6.40
C VAL B 64 -9.04 3.12 -5.16
N LEU B 65 -9.56 4.34 -5.36
CA LEU B 65 -9.90 5.18 -4.22
C LEU B 65 -11.09 4.64 -3.45
N ALA B 66 -12.00 3.95 -4.13
CA ALA B 66 -13.10 3.29 -3.43
C ALA B 66 -12.57 2.30 -2.42
N GLU B 67 -11.49 1.59 -2.75
CA GLU B 67 -10.92 0.63 -1.83
C GLU B 67 -10.25 1.29 -0.64
N LEU B 68 -9.60 2.42 -0.87
CA LEU B 68 -8.90 3.11 0.19
C LEU B 68 -9.87 3.71 1.20
N GLN B 69 -10.92 4.34 0.71
CA GLN B 69 -11.94 4.90 1.59
C GLN B 69 -12.72 3.82 2.31
N ASN B 70 -12.84 2.65 1.69
CA ASN B 70 -13.51 1.53 2.33
C ASN B 70 -12.71 1.03 3.50
N SER B 71 -11.38 0.97 3.35
CA SER B 71 -10.49 0.52 4.43
C SER B 71 -10.52 1.48 5.60
N LEU B 72 -10.45 2.76 5.31
CA LEU B 72 -10.52 3.76 6.37
C LEU B 72 -11.90 3.71 7.00
N GLY B 73 -12.94 3.66 6.19
CA GLY B 73 -14.28 3.67 6.76
C GLY B 73 -14.54 2.47 7.65
N LEU B 74 -14.10 1.29 7.21
CA LEU B 74 -14.28 0.10 8.04
C LEU B 74 -13.45 0.19 9.31
N ARG B 75 -12.23 0.73 9.21
CA ARG B 75 -11.41 0.93 10.40
C ARG B 75 -12.09 1.90 11.37
N MET B 76 -12.63 3.00 10.85
CA MET B 76 -13.28 3.98 11.72
C MET B 76 -14.59 3.46 12.27
N TYR B 77 -15.29 2.60 11.54
CA TYR B 77 -16.52 2.05 12.05
C TYR B 77 -16.26 1.07 13.16
N GLN B 78 -15.31 0.18 12.98
CA GLN B 78 -14.98 -0.78 14.04
C GLN B 78 -14.62 -0.05 15.32
N THR B 79 -13.74 0.95 15.23
CA THR B 79 -13.41 1.77 16.38
C THR B 79 -14.67 2.37 16.98
N LEU B 80 -15.49 3.02 16.15
CA LEU B 80 -16.66 3.73 16.65
C LEU B 80 -17.67 2.75 17.25
N SER B 81 -17.95 1.66 16.53
CA SER B 81 -18.98 0.72 16.99
C SER B 81 -18.66 0.21 18.38
N ARG B 82 -17.40 -0.18 18.63
CA ARG B 82 -17.05 -0.75 19.91
C ARG B 82 -17.09 0.26 21.05
N THR B 83 -17.04 1.56 20.74
CA THR B 83 -17.18 2.58 21.77
C THR B 83 -18.64 2.83 22.13
N GLN B 84 -19.58 2.28 21.36
CA GLN B 84 -21.01 2.42 21.64
C GLN B 84 -21.66 1.11 21.19
N LYS B 85 -21.47 0.06 22.02
CA LYS B 85 -21.88 -1.28 21.62
C LYS B 85 -23.38 -1.42 21.50
N HIS B 86 -24.15 -0.63 22.26
CA HIS B 86 -25.61 -0.77 22.27
C HIS B 86 -26.27 0.52 21.83
N THR B 87 -25.77 1.09 20.73
CA THR B 87 -26.27 2.35 20.19
C THR B 87 -26.33 2.24 18.68
N ASN B 88 -27.41 2.76 18.08
CA ASN B 88 -27.46 2.90 16.63
C ASN B 88 -26.21 3.64 16.15
N THR B 89 -25.58 3.12 15.11
CA THR B 89 -24.34 3.69 14.59
C THR B 89 -24.48 3.90 13.09
N LEU B 90 -23.94 5.02 12.61
CA LEU B 90 -23.92 5.33 11.19
C LEU B 90 -22.68 6.15 10.89
N LEU B 91 -21.91 5.72 9.90
CA LEU B 91 -20.67 6.40 9.52
C LEU B 91 -20.56 6.38 8.00
N SER B 92 -20.02 7.45 7.44
CA SER B 92 -19.87 7.57 6.00
C SER B 92 -18.39 7.51 5.62
N PRO B 93 -17.90 6.38 5.10
CA PRO B 93 -16.52 6.37 4.59
C PRO B 93 -16.26 7.45 3.56
N LEU B 94 -17.27 7.79 2.74
CA LEU B 94 -17.09 8.78 1.70
C LEU B 94 -16.77 10.16 2.28
N ASN B 95 -17.60 10.65 3.20
CA ASN B 95 -17.39 11.99 3.73
C ASN B 95 -16.28 12.04 4.76
N ALA B 96 -16.03 10.93 5.47
CA ALA B 96 -14.86 10.89 6.35
C ALA B 96 -13.58 11.04 5.55
N PHE B 97 -13.43 10.23 4.50
CA PHE B 97 -12.25 10.32 3.65
C PHE B 97 -12.14 11.70 3.01
N GLY B 98 -13.26 12.26 2.58
CA GLY B 98 -13.22 13.56 1.92
C GLY B 98 -12.86 14.68 2.88
N ALA B 99 -13.39 14.62 4.11
CA ALA B 99 -13.03 15.63 5.12
C ALA B 99 -11.53 15.62 5.38
N LEU B 100 -10.96 14.43 5.58
CA LEU B 100 -9.54 14.35 5.91
C LEU B 100 -8.66 14.85 4.77
N VAL B 101 -9.01 14.50 3.52
CA VAL B 101 -8.21 14.96 2.38
C VAL B 101 -8.33 16.46 2.20
N THR B 102 -9.51 17.03 2.51
CA THR B 102 -9.67 18.47 2.38
C THR B 102 -8.85 19.21 3.43
N LEU B 103 -8.79 18.67 4.65
CA LEU B 103 -7.92 19.23 5.67
C LEU B 103 -6.45 19.05 5.31
N TYR B 104 -6.12 17.97 4.58
CA TYR B 104 -4.74 17.74 4.17
C TYR B 104 -4.20 18.90 3.35
N LEU B 105 -5.07 19.57 2.59
CA LEU B 105 -4.65 20.72 1.78
C LEU B 105 -4.11 21.85 2.64
N GLY B 106 -4.53 21.92 3.91
CA GLY B 106 -4.08 22.97 4.80
C GLY B 106 -2.94 22.58 5.73
N ALA B 107 -2.49 21.33 5.66
CA ALA B 107 -1.54 20.82 6.63
C ALA B 107 -0.10 21.19 6.25
N SER B 108 0.73 21.35 7.28
CA SER B 108 2.16 21.41 7.06
C SER B 108 2.65 20.10 6.46
N LYS B 109 3.78 20.15 5.77
CA LYS B 109 4.29 18.97 5.08
C LYS B 109 4.48 17.81 6.04
N LYS B 110 4.99 18.09 7.24
CA LYS B 110 5.16 17.05 8.25
C LYS B 110 3.82 16.42 8.62
N THR B 111 2.83 17.27 8.92
CA THR B 111 1.50 16.76 9.24
C THR B 111 0.87 16.06 8.05
N ALA B 112 1.16 16.55 6.84
CA ALA B 112 0.60 15.94 5.64
C ALA B 112 1.01 14.48 5.48
N ILE B 113 2.23 14.13 5.90
CA ILE B 113 2.66 12.74 5.84
C ILE B 113 1.71 11.88 6.67
N SER B 114 1.39 12.34 7.87
CA SER B 114 0.50 11.57 8.74
C SER B 114 -0.86 11.35 8.09
N TYR B 115 -1.39 12.37 7.41
CA TYR B 115 -2.66 12.20 6.71
C TYR B 115 -2.53 11.14 5.63
N GLN B 116 -1.51 11.25 4.79
CA GLN B 116 -1.31 10.27 3.72
C GLN B 116 -1.16 8.86 4.28
N GLN B 117 -0.46 8.72 5.40
CA GLN B 117 -0.23 7.40 5.98
C GLN B 117 -1.55 6.78 6.45
N LEU B 118 -2.34 7.54 7.20
CA LEU B 118 -3.67 7.05 7.58
C LEU B 118 -4.50 6.71 6.36
N LEU B 119 -4.45 7.55 5.33
CA LEU B 119 -5.30 7.40 4.16
C LEU B 119 -4.82 6.31 3.21
N GLY B 120 -3.62 5.79 3.40
CA GLY B 120 -3.08 4.81 2.47
C GLY B 120 -2.52 5.40 1.20
N LEU B 121 -2.18 6.69 1.20
CA LEU B 121 -1.70 7.39 0.02
C LEU B 121 -0.22 7.78 0.13
N ASN B 122 0.50 7.19 1.08
CA ASN B 122 1.90 7.54 1.30
C ASN B 122 2.82 6.64 0.49
N LEU B 123 3.84 7.23 -0.11
CA LEU B 123 4.91 6.52 -0.78
C LEU B 123 6.13 6.54 0.14
N GLU B 124 6.50 5.37 0.67
CA GLU B 124 7.57 5.28 1.65
C GLU B 124 8.91 5.40 0.95
N SER B 125 9.61 6.50 1.20
CA SER B 125 11.02 6.63 0.86
C SER B 125 11.84 6.42 2.13
N GLU B 126 13.06 5.94 1.95
CA GLU B 126 13.97 5.71 3.05
C GLU B 126 14.88 6.89 3.33
N GLN B 127 14.43 8.09 2.94
CA GLN B 127 15.07 9.34 3.29
C GLN B 127 14.22 10.04 4.34
N THR B 128 14.83 10.38 5.47
CA THR B 128 14.13 11.15 6.48
C THR B 128 13.92 12.60 6.06
N ASP B 129 14.71 13.07 5.08
CA ASP B 129 14.72 14.49 4.75
C ASP B 129 13.51 14.90 3.92
N CYS B 130 13.07 14.02 3.02
CA CYS B 130 12.09 14.36 2.00
C CYS B 130 10.98 13.33 1.96
N ALA B 131 9.83 13.74 1.44
CA ALA B 131 8.69 12.84 1.29
C ALA B 131 7.92 13.20 0.04
N TYR B 132 7.00 12.31 -0.34
CA TYR B 132 6.18 12.47 -1.52
C TYR B 132 4.76 12.86 -1.10
N PHE B 133 4.15 13.76 -1.88
CA PHE B 133 2.86 14.33 -1.52
C PHE B 133 1.89 14.25 -2.67
N VAL B 134 0.70 13.72 -2.39
CA VAL B 134 -0.32 13.57 -3.42
C VAL B 134 -0.89 14.93 -3.80
N ASP B 135 -1.55 14.98 -4.96
CA ASP B 135 -2.38 16.11 -5.34
C ASP B 135 -3.76 15.90 -4.73
N GLY B 136 -4.06 16.63 -3.66
CA GLY B 136 -5.32 16.44 -2.98
C GLY B 136 -6.52 16.79 -3.83
N HIS B 137 -6.34 17.68 -4.80
CA HIS B 137 -7.46 18.07 -5.65
C HIS B 137 -7.94 16.92 -6.52
N THR B 138 -7.03 16.15 -7.11
CA THR B 138 -7.46 15.03 -7.93
C THR B 138 -7.94 13.84 -7.10
N VAL B 139 -7.50 13.74 -5.84
CA VAL B 139 -8.11 12.78 -4.93
C VAL B 139 -9.56 13.17 -4.66
N LEU B 140 -9.79 14.43 -4.32
CA LEU B 140 -11.14 14.89 -4.01
C LEU B 140 -12.03 14.81 -5.23
N ARG B 141 -11.55 15.27 -6.39
CA ARG B 141 -12.34 15.18 -7.61
C ARG B 141 -12.66 13.73 -7.97
N THR B 142 -11.76 12.80 -7.66
CA THR B 142 -12.07 11.39 -7.84
C THR B 142 -13.18 10.96 -6.89
N LEU B 143 -13.10 11.39 -5.63
CA LEU B 143 -14.16 11.09 -4.67
C LEU B 143 -15.49 11.66 -5.14
N GLN B 144 -15.49 12.91 -5.60
CA GLN B 144 -16.72 13.53 -6.11
C GLN B 144 -17.29 12.73 -7.28
N ALA B 145 -16.43 12.12 -8.09
CA ALA B 145 -16.92 11.32 -9.22
C ALA B 145 -17.71 10.11 -8.72
N ILE B 146 -17.22 9.44 -7.68
CA ILE B 146 -17.96 8.32 -7.12
C ILE B 146 -19.30 8.78 -6.59
N SER B 147 -19.30 9.86 -5.80
CA SER B 147 -20.54 10.39 -5.25
C SER B 147 -21.52 10.77 -6.36
N ALA B 148 -21.03 11.39 -7.43
CA ALA B 148 -21.92 11.95 -8.44
C ALA B 148 -22.54 10.87 -9.32
N HIS B 149 -21.84 9.76 -9.54
CA HIS B 149 -22.37 8.71 -10.40
C HIS B 149 -23.49 7.92 -9.74
N VAL B 150 -23.61 7.97 -8.40
CA VAL B 150 -24.67 7.23 -7.72
C VAL B 150 -26.03 7.64 -8.26
N ASP B 151 -26.26 8.94 -8.36
CA ASP B 151 -27.47 9.47 -8.99
C ASP B 151 -27.15 10.90 -9.39
N GLU B 152 -27.00 11.15 -10.69
CA GLU B 152 -26.48 12.42 -11.16
C GLU B 152 -27.44 13.59 -10.96
N SER B 153 -28.68 13.33 -10.56
CA SER B 153 -29.64 14.39 -10.30
C SER B 153 -29.59 14.90 -8.86
N ARG B 154 -28.94 14.16 -7.96
CA ARG B 154 -28.70 14.60 -6.58
C ARG B 154 -30.00 14.59 -5.76
N LYS B 155 -30.82 13.58 -5.98
CA LYS B 155 -31.95 13.26 -5.10
C LYS B 155 -31.71 12.00 -4.28
N GLU B 156 -31.02 11.01 -4.86
CA GLU B 156 -30.75 9.77 -4.16
C GLU B 156 -29.51 9.87 -3.28
N LEU B 157 -28.55 10.70 -3.66
CA LEU B 157 -27.39 11.00 -2.82
C LEU B 157 -27.01 12.46 -3.03
N ARG B 158 -26.86 13.19 -1.92
CA ARG B 158 -26.60 14.62 -1.98
C ARG B 158 -25.67 14.99 -0.83
N THR B 159 -24.69 15.84 -1.11
CA THR B 159 -23.68 16.20 -0.13
C THR B 159 -23.54 17.70 -0.02
N LEU B 160 -23.14 18.16 1.17
CA LEU B 160 -22.87 19.56 1.44
C LEU B 160 -21.65 19.65 2.35
N VAL B 161 -20.95 20.77 2.27
CA VAL B 161 -19.75 21.00 3.08
C VAL B 161 -19.81 22.42 3.62
N TRP B 162 -19.55 22.56 4.92
CA TRP B 162 -19.56 23.84 5.60
C TRP B 162 -18.19 24.07 6.23
N THR B 163 -17.70 25.31 6.16
CA THR B 163 -16.51 25.71 6.89
C THR B 163 -16.75 27.09 7.47
N PHE B 164 -16.46 27.24 8.76
CA PHE B 164 -16.68 28.50 9.48
C PHE B 164 -15.36 28.92 10.10
N VAL B 165 -14.87 30.09 9.69
CA VAL B 165 -13.53 30.55 10.02
C VAL B 165 -13.61 31.79 10.89
N ASN B 166 -12.70 31.85 11.87
CA ASN B 166 -12.49 33.06 12.65
C ASN B 166 -12.35 34.27 11.74
N SER B 167 -13.16 35.30 12.00
CA SER B 167 -13.12 36.51 11.19
C SER B 167 -11.75 37.15 11.18
N ASP B 168 -10.91 36.85 12.15
CA ASP B 168 -9.57 37.42 12.25
C ASP B 168 -8.52 36.69 11.44
N ALA B 169 -8.87 35.54 10.84
CA ALA B 169 -7.91 34.69 10.17
C ALA B 169 -8.21 34.61 8.68
N ASP B 170 -7.15 34.62 7.86
CA ASP B 170 -7.29 34.38 6.44
C ASP B 170 -7.30 32.89 6.16
N LEU B 171 -7.76 32.52 4.97
CA LEU B 171 -7.98 31.12 4.63
C LEU B 171 -7.28 30.77 3.31
N SER B 172 -6.57 29.65 3.31
CA SER B 172 -5.82 29.22 2.14
C SER B 172 -6.74 29.05 0.94
N LYS B 173 -6.32 29.60 -0.21
CA LYS B 173 -7.08 29.41 -1.44
C LYS B 173 -7.09 27.95 -1.87
N GLU B 174 -6.02 27.21 -1.58
CA GLU B 174 -5.98 25.80 -1.91
C GLU B 174 -7.06 25.03 -1.15
N PHE B 175 -7.27 25.34 0.12
CA PHE B 175 -8.30 24.68 0.88
C PHE B 175 -9.68 24.96 0.30
N LEU B 176 -9.95 26.21 0.00
CA LEU B 176 -11.26 26.58 -0.50
C LEU B 176 -11.59 25.87 -1.80
N ARG B 177 -10.62 25.65 -2.66
CA ARG B 177 -10.90 24.90 -3.87
C ARG B 177 -11.17 23.45 -3.52
N GLY B 178 -10.62 22.99 -2.41
CA GLY B 178 -10.92 21.64 -1.98
C GLY B 178 -12.38 21.48 -1.58
N THR B 179 -12.92 22.47 -0.86
CA THR B 179 -14.33 22.43 -0.49
C THR B 179 -15.23 22.40 -1.72
N GLN B 180 -14.71 22.78 -2.88
CA GLN B 180 -15.45 22.69 -4.13
C GLN B 180 -15.04 21.48 -4.97
N ASP B 181 -13.92 20.87 -4.66
CA ASP B 181 -13.53 19.66 -5.36
C ASP B 181 -14.43 18.49 -5.01
N PHE B 182 -14.95 18.43 -3.79
CA PHE B 182 -15.74 17.26 -3.38
C PHE B 182 -17.20 17.45 -2.97
N SER B 183 -17.67 18.60 -2.60
CA SER B 183 -19.09 18.72 -2.28
C SER B 183 -20.04 18.96 -3.44
N ASP B 184 -21.32 18.65 -3.30
CA ASP B 184 -22.30 18.99 -4.34
C ASP B 184 -22.57 20.48 -4.19
N ASP B 185 -22.56 20.98 -2.95
CA ASP B 185 -22.73 22.39 -2.70
C ASP B 185 -21.88 22.76 -1.49
N SER B 186 -21.42 24.00 -1.40
CA SER B 186 -20.47 24.38 -0.37
C SER B 186 -20.79 25.75 0.19
N PHE B 187 -20.43 25.96 1.45
CA PHE B 187 -20.64 27.22 2.15
C PHE B 187 -19.42 27.47 3.03
N VAL B 188 -18.64 28.50 2.70
CA VAL B 188 -17.49 28.92 3.49
C VAL B 188 -17.74 30.35 3.94
N ARG B 189 -17.82 30.58 5.25
CA ARG B 189 -18.22 31.87 5.77
C ARG B 189 -17.30 32.31 6.91
N SER B 190 -17.15 33.63 7.03
CA SER B 190 -16.48 34.20 8.19
C SER B 190 -17.40 34.11 9.40
N VAL B 191 -16.79 34.00 10.57
CA VAL B 191 -17.54 33.95 11.81
C VAL B 191 -16.74 34.65 12.91
N ASP B 192 -17.44 35.41 13.74
CA ASP B 192 -16.79 36.05 14.88
C ASP B 192 -17.16 35.28 16.09
N PHE B 193 -16.19 34.64 16.71
CA PHE B 193 -16.47 33.81 17.84
C PHE B 193 -16.23 34.61 19.10
N SER B 194 -16.11 35.93 18.98
CA SER B 194 -15.97 36.77 20.15
C SER B 194 -17.07 36.38 21.11
N GLN B 195 -18.32 36.61 20.74
CA GLN B 195 -19.45 36.17 21.55
C GLN B 195 -19.70 34.79 21.01
N ALA B 196 -19.08 33.79 21.63
CA ALA B 196 -19.13 32.44 21.07
C ALA B 196 -20.47 31.78 21.01
N LYS B 197 -21.06 31.48 22.15
CA LYS B 197 -22.33 30.77 22.11
C LYS B 197 -23.27 31.42 21.11
N ASP B 198 -23.17 32.74 20.94
CA ASP B 198 -23.93 33.41 19.89
C ASP B 198 -23.57 32.85 18.51
N ALA B 199 -22.27 32.66 18.25
CA ALA B 199 -21.86 32.06 17.00
C ALA B 199 -22.34 30.61 16.90
N GLU B 200 -22.17 29.84 17.99
CA GLU B 200 -22.59 28.46 17.99
C GLU B 200 -24.04 28.32 17.50
N VAL B 201 -24.93 29.14 18.05
CA VAL B 201 -26.31 29.10 17.59
C VAL B 201 -26.39 29.56 16.14
N GLU B 202 -25.68 30.64 15.80
CA GLU B 202 -25.77 31.20 14.46
C GLU B 202 -25.26 30.24 13.40
N VAL B 203 -24.16 29.53 13.68
CA VAL B 203 -23.64 28.57 12.70
C VAL B 203 -24.56 27.36 12.62
N ASN B 204 -25.06 26.89 13.77
CA ASN B 204 -25.97 25.75 13.75
C ASN B 204 -27.24 26.09 13.00
N ASN B 205 -27.79 27.29 13.21
CA ASN B 205 -29.01 27.67 12.50
C ASN B 205 -28.77 27.78 11.00
N PHE B 206 -27.62 28.34 10.60
CA PHE B 206 -27.28 28.34 9.18
C PHE B 206 -27.26 26.93 8.63
N ILE B 207 -26.80 25.99 9.44
CA ILE B 207 -26.74 24.62 8.97
C ILE B 207 -28.15 24.15 8.69
N GLN B 208 -29.06 24.39 9.62
CA GLN B 208 -30.44 23.97 9.43
C GLN B 208 -31.04 24.67 8.23
N LYS B 209 -30.78 25.96 8.12
CA LYS B 209 -31.30 26.74 7.03
C LYS B 209 -30.88 26.13 5.75
N THR B 210 -29.58 25.93 5.58
CA THR B 210 -29.11 25.19 4.44
C THR B 210 -29.61 23.85 4.83
N SER B 211 -29.80 22.90 3.94
CA SER B 211 -30.20 21.54 4.40
C SER B 211 -31.49 21.28 5.19
N ASP B 212 -31.41 20.62 6.35
CA ASP B 212 -32.57 20.13 7.09
C ASP B 212 -32.68 20.50 8.55
N ASN B 213 -33.63 19.89 9.26
CA ASN B 213 -33.77 20.11 10.69
C ASN B 213 -33.37 18.86 11.42
N LYS B 214 -32.87 17.88 10.70
CA LYS B 214 -32.49 16.62 11.29
C LYS B 214 -31.38 16.77 12.32
N VAL B 215 -30.50 17.75 12.12
CA VAL B 215 -29.46 18.02 13.09
C VAL B 215 -29.59 19.47 13.45
N LYS B 216 -30.02 19.75 14.67
CA LYS B 216 -30.27 21.14 15.05
C LYS B 216 -29.11 21.78 15.75
N SER B 217 -28.35 21.01 16.51
CA SER B 217 -27.16 21.52 17.16
C SER B 217 -25.94 20.74 16.68
N MET B 218 -25.42 21.09 15.53
CA MET B 218 -24.29 20.37 14.95
C MET B 218 -23.04 20.50 15.81
N PHE B 219 -22.59 21.72 16.00
CA PHE B 219 -21.39 21.91 16.77
C PHE B 219 -21.73 22.18 18.20
N LYS B 220 -20.93 21.68 19.11
CA LYS B 220 -21.19 21.83 20.52
C LYS B 220 -19.94 22.08 21.31
N GLY B 221 -19.74 23.32 21.76
CA GLY B 221 -18.57 23.64 22.53
C GLY B 221 -17.66 24.61 21.84
N VAL B 222 -18.26 25.47 21.04
CA VAL B 222 -17.48 26.47 20.38
C VAL B 222 -16.81 27.29 21.43
N THR B 223 -15.82 28.05 21.05
CA THR B 223 -15.09 28.85 22.00
C THR B 223 -14.68 30.11 21.30
N PRO B 224 -14.38 31.16 22.06
CA PRO B 224 -13.94 32.33 21.30
C PRO B 224 -12.56 32.19 20.70
N LYS B 225 -11.77 31.21 21.09
CA LYS B 225 -10.49 30.99 20.43
C LYS B 225 -10.63 30.18 19.15
N THR B 226 -11.82 29.65 18.86
CA THR B 226 -12.00 28.77 17.71
C THR B 226 -11.55 29.45 16.42
N ASP B 227 -10.71 28.76 15.65
CA ASP B 227 -10.27 29.23 14.35
C ASP B 227 -11.04 28.61 13.20
N LEU B 228 -11.31 27.30 13.27
CA LEU B 228 -11.91 26.59 12.15
C LEU B 228 -12.94 25.57 12.65
N LEU B 229 -14.10 25.57 12.03
CA LEU B 229 -15.13 24.56 12.26
C LEU B 229 -15.45 23.92 10.91
N PHE B 230 -15.30 22.60 10.82
CA PHE B 230 -15.56 21.88 9.59
C PHE B 230 -16.70 20.89 9.79
N ALA B 231 -17.65 20.91 8.86
CA ALA B 231 -18.73 19.94 8.86
C ALA B 231 -19.17 19.67 7.44
N SER B 232 -19.51 18.41 7.17
CA SER B 232 -20.06 17.99 5.90
C SER B 232 -21.30 17.15 6.17
N SER B 233 -22.11 16.97 5.12
CA SER B 233 -23.31 16.16 5.22
C SER B 233 -23.43 15.31 3.96
N VAL B 234 -23.85 14.06 4.15
CA VAL B 234 -24.16 13.16 3.04
C VAL B 234 -25.51 12.52 3.32
N HIS B 235 -26.39 12.53 2.32
CA HIS B 235 -27.80 12.18 2.50
C HIS B 235 -28.19 11.19 1.43
N PHE B 236 -28.39 9.94 1.81
CA PHE B 236 -28.92 8.92 0.90
C PHE B 236 -30.42 8.82 1.10
N LYS B 237 -31.17 8.85 0.00
CA LYS B 237 -32.62 8.79 0.04
C LYS B 237 -33.09 7.70 -0.91
N GLY B 238 -33.64 6.62 -0.35
CA GLY B 238 -34.24 5.56 -1.12
C GLY B 238 -35.70 5.39 -0.79
N ASN B 239 -36.32 4.32 -1.28
CA ASN B 239 -37.74 4.07 -1.05
C ASN B 239 -37.94 2.59 -0.78
N TRP B 240 -38.49 2.27 0.39
CA TRP B 240 -38.64 0.88 0.80
C TRP B 240 -39.58 0.13 -0.14
N LYS B 241 -40.65 0.78 -0.58
CA LYS B 241 -41.67 0.08 -1.38
C LYS B 241 -41.08 -0.49 -2.66
N THR B 242 -40.20 0.27 -3.33
CA THR B 242 -39.62 -0.19 -4.57
C THR B 242 -38.37 -1.03 -4.38
N ALA B 243 -37.62 -0.80 -3.29
CA ALA B 243 -36.41 -1.58 -3.05
C ALA B 243 -36.73 -2.96 -2.48
N PHE B 244 -37.74 -3.04 -1.62
CA PHE B 244 -38.07 -4.26 -0.90
C PHE B 244 -39.37 -4.90 -1.35
N GLN B 245 -40.32 -4.12 -1.87
CA GLN B 245 -41.60 -4.65 -2.35
C GLN B 245 -42.28 -5.44 -1.23
N PRO B 246 -42.66 -4.78 -0.14
CA PRO B 246 -43.21 -5.52 1.01
C PRO B 246 -44.56 -6.14 0.68
N GLU B 247 -44.65 -7.47 0.78
CA GLU B 247 -45.89 -8.19 0.58
C GLU B 247 -46.71 -8.32 1.86
N ALA B 248 -46.15 -7.94 3.00
CA ALA B 248 -46.85 -7.99 4.27
C ALA B 248 -46.19 -7.01 5.22
N THR B 249 -47.01 -6.24 5.94
CA THR B 249 -46.51 -5.21 6.83
C THR B 249 -47.29 -5.25 8.14
N SER B 250 -46.57 -5.27 9.25
CA SER B 250 -47.19 -5.24 10.56
C SER B 250 -46.14 -4.83 11.58
N ASP B 251 -46.61 -4.49 12.79
CA ASP B 251 -45.73 -4.31 13.93
C ASP B 251 -45.31 -5.68 14.45
N GLN B 252 -44.02 -5.85 14.72
CA GLN B 252 -43.48 -7.10 15.22
C GLN B 252 -42.39 -6.81 16.25
N ASP B 253 -41.97 -7.87 16.94
CA ASP B 253 -40.93 -7.74 17.94
C ASP B 253 -39.59 -7.42 17.29
N PHE B 254 -38.88 -6.44 17.84
CA PHE B 254 -37.45 -6.28 17.60
C PHE B 254 -36.75 -6.34 18.95
N TRP B 255 -35.88 -7.31 19.12
CA TRP B 255 -35.22 -7.56 20.39
C TRP B 255 -33.94 -6.74 20.46
N THR B 256 -34.06 -5.52 21.00
CA THR B 256 -32.88 -4.70 21.20
C THR B 256 -31.91 -5.37 22.16
N GLN B 257 -32.42 -6.13 23.12
CA GLN B 257 -31.61 -6.97 23.99
C GLN B 257 -32.31 -8.32 24.14
N LYS B 258 -31.70 -9.22 24.90
CA LYS B 258 -32.24 -10.56 25.05
C LYS B 258 -33.65 -10.52 25.64
N ASN B 259 -33.89 -9.60 26.58
CA ASN B 259 -35.17 -9.50 27.28
C ASN B 259 -35.74 -8.10 27.17
N SER B 260 -35.53 -7.46 26.03
CA SER B 260 -36.05 -6.11 25.78
C SER B 260 -36.61 -6.09 24.36
N SER B 261 -37.93 -5.93 24.25
CA SER B 261 -38.62 -5.89 22.97
C SER B 261 -39.10 -4.49 22.67
N VAL B 262 -39.13 -4.15 21.38
CA VAL B 262 -39.74 -2.91 20.91
C VAL B 262 -40.61 -3.25 19.71
N GLN B 263 -41.86 -2.80 19.74
CA GLN B 263 -42.78 -3.01 18.62
C GLN B 263 -42.47 -2.00 17.53
N VAL B 264 -42.16 -2.49 16.33
CA VAL B 264 -41.73 -1.62 15.24
C VAL B 264 -42.31 -2.13 13.94
N PRO B 265 -42.53 -1.22 12.98
CA PRO B 265 -43.01 -1.66 11.66
C PRO B 265 -41.99 -2.56 10.97
N PHE B 266 -42.41 -3.77 10.66
CA PHE B 266 -41.61 -4.71 9.89
C PHE B 266 -42.12 -4.78 8.45
N MET B 267 -41.34 -5.44 7.61
CA MET B 267 -41.70 -5.66 6.21
C MET B 267 -41.35 -7.09 5.85
N MET B 268 -42.05 -7.64 4.86
CA MET B 268 -41.77 -8.99 4.41
C MET B 268 -41.99 -9.08 2.90
N HIS B 269 -41.13 -9.85 2.24
CA HIS B 269 -41.24 -10.07 0.80
C HIS B 269 -40.57 -11.38 0.48
N THR B 270 -41.33 -12.34 -0.05
CA THR B 270 -40.81 -13.66 -0.36
C THR B 270 -40.28 -13.66 -1.79
N GLY B 271 -39.00 -13.99 -1.94
CA GLY B 271 -38.37 -13.96 -3.25
C GLY B 271 -36.93 -14.41 -3.13
N ASP B 272 -36.28 -14.53 -4.29
CA ASP B 272 -34.90 -14.98 -4.34
C ASP B 272 -33.96 -13.83 -4.00
N TYR B 273 -33.07 -14.06 -3.03
CA TYR B 273 -32.06 -13.10 -2.65
C TYR B 273 -30.68 -13.74 -2.71
N LYS B 274 -29.70 -12.96 -3.14
CA LYS B 274 -28.30 -13.37 -3.01
C LYS B 274 -27.95 -13.42 -1.53
N TYR B 275 -27.56 -14.59 -1.06
CA TYR B 275 -27.60 -14.91 0.37
C TYR B 275 -26.44 -15.84 0.70
N LEU B 276 -26.05 -15.82 1.98
CA LEU B 276 -24.96 -16.67 2.45
C LEU B 276 -25.10 -16.83 3.94
N ASP B 277 -25.14 -18.09 4.40
CA ASP B 277 -25.06 -18.41 5.82
C ASP B 277 -23.64 -18.88 6.11
N ASP B 278 -22.89 -18.08 6.85
CA ASP B 278 -21.52 -18.40 7.23
C ASP B 278 -21.56 -19.09 8.59
N ALA B 279 -21.63 -20.42 8.56
CA ALA B 279 -21.78 -21.18 9.79
C ALA B 279 -20.59 -20.93 10.72
N GLY B 280 -19.37 -20.99 10.18
CA GLY B 280 -18.20 -20.79 11.02
C GLY B 280 -18.19 -19.45 11.73
N ARG B 281 -18.64 -18.41 11.04
CA ARG B 281 -18.67 -17.06 11.59
C ARG B 281 -20.02 -16.69 12.19
N LYS B 282 -21.00 -17.58 12.11
CA LYS B 282 -22.33 -17.34 12.67
C LYS B 282 -22.94 -16.07 12.16
N CYS B 283 -22.94 -15.91 10.86
CA CYS B 283 -23.52 -14.73 10.26
C CYS B 283 -24.33 -15.06 9.06
N SER B 284 -25.43 -14.36 8.92
CA SER B 284 -26.23 -14.53 7.74
C SER B 284 -26.12 -13.23 7.01
N ILE B 285 -25.80 -13.28 5.74
CA ILE B 285 -25.58 -12.10 4.93
C ILE B 285 -26.63 -12.05 3.84
N VAL B 286 -27.22 -10.88 3.64
CA VAL B 286 -28.28 -10.68 2.66
C VAL B 286 -27.94 -9.44 1.84
N ARG B 287 -27.91 -9.59 0.53
CA ARG B 287 -27.75 -8.47 -0.37
C ARG B 287 -29.13 -8.06 -0.88
N LEU B 288 -29.42 -6.77 -0.83
CA LEU B 288 -30.71 -6.24 -1.25
C LEU B 288 -30.47 -5.05 -2.17
N GLY B 289 -31.08 -5.09 -3.35
CA GLY B 289 -31.06 -3.95 -4.23
C GLY B 289 -31.71 -2.75 -3.59
N LEU B 290 -30.98 -1.65 -3.45
CA LEU B 290 -31.51 -0.44 -2.85
C LEU B 290 -32.02 0.53 -3.90
N SER B 291 -31.31 0.67 -5.01
CA SER B 291 -31.72 1.56 -6.08
C SER B 291 -31.04 1.08 -7.37
N LYS B 292 -31.03 1.95 -8.39
CA LYS B 292 -30.41 1.58 -9.66
C LYS B 292 -28.91 1.39 -9.51
N ARG B 293 -28.25 2.25 -8.73
CA ARG B 293 -26.80 2.25 -8.63
C ARG B 293 -26.28 1.89 -7.24
N THR B 294 -27.14 1.43 -6.34
CA THR B 294 -26.71 1.06 -4.99
C THR B 294 -27.42 -0.21 -4.53
N PHE B 295 -26.73 -0.95 -3.68
CA PHE B 295 -27.29 -2.10 -2.96
C PHE B 295 -26.92 -1.98 -1.49
N MET B 296 -27.54 -2.82 -0.68
CA MET B 296 -27.30 -2.84 0.76
C MET B 296 -26.84 -4.22 1.18
N LEU B 297 -25.90 -4.27 2.13
CA LEU B 297 -25.41 -5.51 2.70
C LEU B 297 -25.93 -5.61 4.13
N LEU B 298 -26.73 -6.63 4.39
CA LEU B 298 -27.29 -6.87 5.72
C LEU B 298 -26.60 -8.09 6.32
N VAL B 299 -26.19 -7.97 7.57
CA VAL B 299 -25.46 -9.03 8.27
C VAL B 299 -26.12 -9.26 9.62
N LEU B 300 -26.66 -10.47 9.81
CA LEU B 300 -27.40 -10.83 11.00
C LEU B 300 -26.66 -11.94 11.73
N PRO B 301 -26.32 -11.79 13.01
CA PRO B 301 -25.73 -12.91 13.75
C PRO B 301 -26.74 -14.02 13.95
N HIS B 302 -26.26 -15.26 13.88
CA HIS B 302 -27.07 -16.40 14.30
C HIS B 302 -27.70 -16.10 15.66
N GLU B 303 -28.89 -16.64 15.88
CA GLU B 303 -29.51 -16.58 17.19
C GLU B 303 -28.52 -17.07 18.24
N GLY B 304 -28.38 -16.32 19.34
CA GLY B 304 -27.46 -16.65 20.39
C GLY B 304 -26.07 -16.07 20.23
N ALA B 305 -25.75 -15.52 19.07
CA ALA B 305 -24.47 -14.85 18.84
C ALA B 305 -24.65 -13.34 18.92
N SER B 306 -23.60 -12.65 19.34
CA SER B 306 -23.65 -11.22 19.59
C SER B 306 -23.08 -10.44 18.43
N LEU B 307 -23.70 -9.29 18.13
CA LEU B 307 -23.27 -8.50 16.97
C LEU B 307 -21.81 -8.06 17.11
N GLN B 308 -21.38 -7.69 18.32
CA GLN B 308 -20.01 -7.24 18.48
C GLN B 308 -19.01 -8.35 18.12
N ASP B 309 -19.43 -9.61 18.23
CA ASP B 309 -18.59 -10.71 17.77
C ASP B 309 -18.63 -10.84 16.25
N ILE B 310 -19.79 -10.57 15.65
CA ILE B 310 -19.92 -10.72 14.20
C ILE B 310 -19.23 -9.57 13.47
N GLU B 311 -18.98 -8.47 14.12
CA GLU B 311 -18.35 -7.36 13.44
C GLU B 311 -16.84 -7.46 13.48
N LYS B 312 -16.32 -8.40 14.25
CA LYS B 312 -14.88 -8.47 14.44
C LYS B 312 -14.11 -8.62 13.14
N PRO B 313 -14.51 -9.46 12.19
CA PRO B 313 -13.73 -9.63 10.95
C PRO B 313 -14.11 -8.71 9.80
N LEU B 314 -14.87 -7.64 10.05
CA LEU B 314 -15.40 -6.84 8.95
C LEU B 314 -14.31 -6.16 8.13
N LEU B 315 -13.14 -5.90 8.74
CA LEU B 315 -12.07 -5.24 7.99
C LEU B 315 -11.62 -6.08 6.80
N THR B 316 -11.65 -7.40 6.95
CA THR B 316 -11.15 -8.30 5.91
C THR B 316 -12.21 -9.23 5.33
N VAL B 317 -13.35 -9.42 5.99
CA VAL B 317 -14.25 -10.50 5.61
C VAL B 317 -15.12 -10.20 4.40
N ILE B 318 -15.37 -8.92 4.09
CA ILE B 318 -16.44 -8.59 3.16
C ILE B 318 -16.22 -9.18 1.77
N PRO B 319 -15.04 -9.05 1.16
CA PRO B 319 -14.87 -9.66 -0.18
C PRO B 319 -15.19 -11.14 -0.22
N THR B 320 -14.85 -11.88 0.83
CA THR B 320 -15.15 -13.31 0.87
C THR B 320 -16.65 -13.54 0.87
N TRP B 321 -17.40 -12.79 1.68
CA TRP B 321 -18.84 -12.96 1.72
C TRP B 321 -19.48 -12.67 0.36
N LEU B 322 -19.04 -11.59 -0.30
CA LEU B 322 -19.61 -11.26 -1.60
C LEU B 322 -19.27 -12.32 -2.63
N ARG B 323 -18.07 -12.91 -2.55
CA ARG B 323 -17.70 -13.96 -3.48
C ARG B 323 -18.65 -15.15 -3.39
N HIS B 324 -19.08 -15.48 -2.17
CA HIS B 324 -19.87 -16.68 -1.91
C HIS B 324 -21.36 -16.38 -1.72
N LEU B 325 -21.84 -15.25 -2.21
CA LEU B 325 -23.26 -14.95 -2.19
C LEU B 325 -23.96 -15.74 -3.30
N LYS B 326 -24.84 -16.66 -2.91
CA LYS B 326 -25.61 -17.47 -3.84
C LYS B 326 -27.10 -17.21 -3.62
N GLU B 327 -27.87 -17.22 -4.69
CA GLU B 327 -29.29 -16.91 -4.61
C GLU B 327 -30.04 -18.01 -3.86
N LYS B 328 -30.90 -17.60 -2.92
CA LYS B 328 -31.73 -18.53 -2.17
C LYS B 328 -33.14 -17.98 -2.07
N TYR B 329 -34.11 -18.88 -2.01
CA TYR B 329 -35.51 -18.51 -1.84
C TYR B 329 -35.75 -18.30 -0.35
N LEU B 330 -36.05 -17.06 0.04
CA LEU B 330 -36.15 -16.71 1.45
C LEU B 330 -37.49 -16.05 1.76
N GLU B 331 -37.85 -16.12 3.03
CA GLU B 331 -38.98 -15.37 3.58
C GLU B 331 -38.37 -14.27 4.47
N LEU B 332 -37.99 -13.17 3.83
CA LEU B 332 -37.20 -12.14 4.48
C LEU B 332 -38.12 -11.14 5.18
N SER B 333 -37.87 -10.91 6.47
CA SER B 333 -38.58 -9.91 7.25
C SER B 333 -37.57 -8.90 7.77
N LEU B 334 -37.81 -7.62 7.48
CA LEU B 334 -36.85 -6.57 7.79
C LEU B 334 -37.55 -5.38 8.42
N PRO B 335 -36.99 -4.79 9.47
CA PRO B 335 -37.59 -3.58 10.04
C PRO B 335 -37.57 -2.43 9.05
N LYS B 336 -38.67 -1.69 9.02
CA LYS B 336 -38.76 -0.41 8.31
C LYS B 336 -37.95 0.60 9.10
N PHE B 337 -36.73 0.93 8.64
CA PHE B 337 -35.85 1.77 9.43
C PHE B 337 -35.18 2.85 8.60
N SER B 338 -35.00 4.00 9.24
CA SER B 338 -34.17 5.10 8.77
C SER B 338 -33.22 5.48 9.90
N LEU B 339 -32.08 6.06 9.54
CA LEU B 339 -31.08 6.38 10.55
C LEU B 339 -30.27 7.59 10.13
N THR B 340 -30.13 8.55 11.05
CA THR B 340 -29.23 9.68 10.89
C THR B 340 -28.31 9.76 12.10
N ALA B 341 -27.07 10.17 11.86
CA ALA B 341 -26.10 10.30 12.94
C ALA B 341 -25.07 11.35 12.56
N VAL B 342 -24.34 11.82 13.56
CA VAL B 342 -23.26 12.78 13.38
C VAL B 342 -21.95 12.10 13.77
N THR B 343 -21.00 12.08 12.86
CA THR B 343 -19.67 11.57 13.13
C THR B 343 -18.77 12.70 13.60
N ASP B 344 -18.16 12.53 14.77
CA ASP B 344 -17.13 13.44 15.27
C ASP B 344 -15.79 12.81 14.89
N LEU B 345 -15.15 13.36 13.86
CA LEU B 345 -13.93 12.72 13.35
C LEU B 345 -12.79 12.79 14.35
N ARG B 346 -12.68 13.90 15.09
CA ARG B 346 -11.59 14.03 16.05
C ARG B 346 -11.66 12.93 17.13
N SER B 347 -12.85 12.68 17.67
CA SER B 347 -12.94 11.69 18.73
C SER B 347 -12.72 10.28 18.21
N VAL B 348 -13.24 9.95 17.02
CA VAL B 348 -12.95 8.65 16.43
C VAL B 348 -11.45 8.48 16.23
N LEU B 349 -10.81 9.46 15.59
CA LEU B 349 -9.36 9.41 15.42
C LEU B 349 -8.65 9.40 16.78
N SER B 350 -9.21 10.08 17.78
CA SER B 350 -8.65 9.99 19.13
C SER B 350 -8.70 8.56 19.62
N GLU B 351 -9.82 7.87 19.39
CA GLU B 351 -9.91 6.46 19.78
C GLU B 351 -8.91 5.61 18.99
N MET B 352 -8.59 6.01 17.77
CA MET B 352 -7.58 5.33 16.98
C MET B 352 -6.16 5.76 17.33
N ALA B 353 -6.02 6.69 18.28
CA ALA B 353 -4.72 7.14 18.75
C ALA B 353 -3.89 7.80 17.65
N VAL B 354 -4.56 8.35 16.64
CA VAL B 354 -3.89 9.11 15.58
C VAL B 354 -4.33 10.56 15.53
N GLU B 355 -5.33 10.97 16.32
CA GLU B 355 -5.76 12.36 16.28
C GLU B 355 -4.65 13.31 16.65
N LYS B 356 -3.75 12.87 17.53
CA LYS B 356 -2.66 13.74 17.98
C LYS B 356 -1.84 14.26 16.81
N TYR B 357 -1.70 13.47 15.75
CA TYR B 357 -0.89 13.85 14.61
C TYR B 357 -1.66 14.58 13.52
N LEU B 358 -2.99 14.52 13.55
CA LEU B 358 -3.82 15.05 12.47
C LEU B 358 -4.58 16.31 12.83
N MET B 359 -4.97 16.47 14.10
CA MET B 359 -5.58 17.71 14.57
C MET B 359 -5.13 18.09 15.97
N GLY B 360 -4.29 17.27 16.61
CA GLY B 360 -3.98 17.43 18.02
C GLY B 360 -2.88 18.43 18.27
N SER B 361 -2.09 18.16 19.30
CA SER B 361 -0.98 19.05 19.65
C SER B 361 0.12 18.99 18.60
N ASP B 362 0.35 17.82 18.02
CA ASP B 362 1.46 17.62 17.09
C ASP B 362 1.09 17.91 15.64
N ALA B 363 -0.08 18.50 15.39
CA ALA B 363 -0.52 18.84 14.05
C ALA B 363 -0.28 20.32 13.78
N SER B 364 0.19 20.63 12.58
CA SER B 364 0.41 22.01 12.15
C SER B 364 -0.38 22.26 10.87
N PHE B 365 -1.12 23.36 10.85
CA PHE B 365 -1.84 23.77 9.65
C PHE B 365 -1.27 25.10 9.15
N ARG B 366 0.06 25.19 9.07
CA ARG B 366 0.71 26.40 8.60
C ARG B 366 0.32 26.74 7.16
N ARG B 367 -0.14 25.77 6.38
CA ARG B 367 -0.60 26.01 5.02
C ARG B 367 -2.10 26.28 4.95
N MET B 368 -2.78 26.34 6.08
CA MET B 368 -4.20 26.65 6.11
C MET B 368 -4.47 28.14 6.23
N SER B 369 -3.57 28.87 6.90
CA SER B 369 -3.80 30.26 7.23
C SER B 369 -2.48 30.87 7.66
N SER B 370 -2.36 32.18 7.51
CA SER B 370 -1.22 32.90 8.05
C SER B 370 -1.32 33.07 9.56
N LYS B 371 -2.52 32.99 10.12
CA LYS B 371 -2.71 33.15 11.55
C LYS B 371 -1.83 32.17 12.32
N GLU B 372 -1.30 32.62 13.45
CA GLU B 372 -0.37 31.81 14.23
C GLU B 372 -1.10 30.68 14.93
N ASN B 373 -0.43 29.53 15.02
CA ASN B 373 -0.96 28.34 15.69
C ASN B 373 -2.42 28.11 15.32
N PHE B 374 -2.68 28.06 14.02
CA PHE B 374 -4.01 27.77 13.53
C PHE B 374 -4.42 26.35 13.92
N THR B 375 -5.67 26.20 14.37
CA THR B 375 -6.19 24.93 14.84
C THR B 375 -7.41 24.52 14.02
N VAL B 376 -7.56 23.23 13.78
CA VAL B 376 -8.77 22.65 13.22
C VAL B 376 -9.57 22.11 14.40
N ASP B 377 -10.58 22.87 14.82
CA ASP B 377 -11.19 22.66 16.13
C ASP B 377 -12.23 21.54 16.10
N LYS B 378 -13.11 21.54 15.11
CA LYS B 378 -14.17 20.55 15.01
C LYS B 378 -14.24 20.01 13.59
N VAL B 379 -14.42 18.69 13.47
CA VAL B 379 -14.53 18.01 12.18
C VAL B 379 -15.67 17.02 12.29
N LEU B 380 -16.78 17.27 11.59
CA LEU B 380 -17.99 16.47 11.74
C LEU B 380 -18.52 16.04 10.38
N ASN B 381 -19.12 14.85 10.34
CA ASN B 381 -19.91 14.39 9.21
C ASN B 381 -21.34 14.16 9.68
N LYS B 382 -22.30 14.86 9.08
CA LYS B 382 -23.70 14.52 9.24
C LYS B 382 -24.04 13.44 8.21
N VAL B 383 -24.50 12.29 8.69
CA VAL B 383 -24.81 11.16 7.83
C VAL B 383 -26.29 10.85 7.98
N VAL B 384 -27.00 10.81 6.86
CA VAL B 384 -28.44 10.61 6.82
C VAL B 384 -28.75 9.46 5.87
N PHE B 385 -29.30 8.38 6.40
CA PHE B 385 -29.80 7.27 5.60
C PHE B 385 -31.32 7.31 5.69
N GLU B 386 -31.97 7.72 4.60
CA GLU B 386 -33.42 7.88 4.58
C GLU B 386 -34.04 6.90 3.60
N MET B 387 -35.04 6.18 4.07
CA MET B 387 -35.79 5.29 3.20
C MET B 387 -37.24 5.71 3.37
N THR B 388 -37.93 5.97 2.27
CA THR B 388 -39.32 6.40 2.34
C THR B 388 -40.29 5.25 2.26
N GLU B 389 -41.41 5.36 2.94
CA GLU B 389 -42.46 4.34 2.87
C GLU B 389 -42.10 3.01 3.50
N GLY B 390 -42.75 1.94 3.09
CA GLY B 390 -42.47 0.62 3.63
C GLY B 390 -43.57 0.07 4.50
N GLY B 391 -44.59 0.87 4.73
CA GLY B 391 -45.68 0.45 5.60
C GLY B 391 -46.86 -0.08 4.82
N SER B 392 -46.79 0.01 3.51
CA SER B 392 -47.90 -0.43 2.69
C SER B 392 -47.52 -1.70 1.96
N GLU B 393 -48.49 -2.43 1.46
CA GLU B 393 -48.26 -3.73 0.83
C GLU B 393 -48.48 -3.67 -0.67
N VAL B 394 -47.90 -4.64 -1.38
CA VAL B 394 -47.97 -4.73 -2.82
C VAL B 394 -48.50 -6.11 -3.19
N GLN B 395 -48.86 -6.27 -4.47
CA GLN B 395 -49.39 -7.54 -4.93
C GLN B 395 -48.34 -8.64 -4.82
N ASN B 396 -48.81 -9.88 -4.77
CA ASN B 396 -47.97 -11.03 -4.46
C ASN B 396 -47.80 -11.92 -5.69
N ARG B 397 -46.60 -12.48 -5.81
CA ARG B 397 -46.30 -13.52 -6.79
C ARG B 397 -45.89 -14.77 -6.02
N THR B 398 -46.67 -15.84 -6.14
CA THR B 398 -46.57 -16.98 -5.25
C THR B 398 -46.16 -18.23 -6.03
N ASP B 399 -44.89 -18.61 -5.92
CA ASP B 399 -44.45 -19.97 -6.25
C ASP B 399 -44.87 -20.87 -5.09
N ASP B 400 -46.18 -21.13 -5.02
CA ASP B 400 -46.77 -21.73 -3.83
C ASP B 400 -46.04 -23.00 -3.40
N GLY B 401 -45.60 -23.82 -4.35
CA GLY B 401 -44.96 -25.07 -3.99
C GLY B 401 -43.71 -24.87 -3.17
N ARG B 402 -42.81 -24.00 -3.65
CA ARG B 402 -41.53 -23.80 -2.97
C ARG B 402 -41.74 -23.31 -1.55
N ALA B 403 -41.10 -23.97 -0.60
CA ALA B 403 -41.10 -23.52 0.79
C ALA B 403 -39.87 -22.67 1.04
N PRO B 404 -40.01 -21.44 1.50
CA PRO B 404 -38.85 -20.55 1.60
C PRO B 404 -38.09 -20.68 2.92
N HIS B 405 -36.83 -20.24 2.88
CA HIS B 405 -36.01 -20.16 4.07
C HIS B 405 -36.31 -18.85 4.80
N LYS B 406 -36.63 -18.95 6.09
CA LYS B 406 -37.01 -17.79 6.88
C LYS B 406 -35.76 -17.11 7.43
N VAL B 407 -35.56 -15.85 7.06
CA VAL B 407 -34.52 -15.00 7.61
C VAL B 407 -35.20 -13.77 8.17
N THR B 408 -35.03 -13.54 9.48
CA THR B 408 -35.78 -12.50 10.18
C THR B 408 -34.82 -11.59 10.92
N PHE B 409 -34.81 -10.31 10.55
CA PHE B 409 -33.94 -9.31 11.16
C PHE B 409 -34.66 -8.65 12.33
N ASN B 410 -34.89 -9.44 13.38
CA ASN B 410 -35.50 -8.94 14.62
C ASN B 410 -34.51 -8.97 15.78
N ARG B 411 -33.23 -8.91 15.46
CA ARG B 411 -32.15 -8.74 16.44
C ARG B 411 -31.12 -7.80 15.81
N PRO B 412 -30.31 -7.14 16.63
CA PRO B 412 -29.38 -6.14 16.09
C PRO B 412 -28.57 -6.69 14.92
N PHE B 413 -28.40 -5.85 13.89
CA PHE B 413 -27.71 -6.26 12.69
C PHE B 413 -26.82 -5.13 12.18
N PHE B 414 -25.89 -5.49 11.31
CA PHE B 414 -25.00 -4.56 10.62
C PHE B 414 -25.49 -4.35 9.20
N PHE B 415 -25.32 -3.13 8.69
CA PHE B 415 -25.69 -2.86 7.30
C PHE B 415 -24.70 -1.90 6.66
N ALA B 416 -24.61 -2.00 5.34
CA ALA B 416 -23.74 -1.16 4.54
C ALA B 416 -24.45 -0.78 3.25
N VAL B 417 -24.30 0.47 2.84
CA VAL B 417 -24.86 0.98 1.59
C VAL B 417 -23.70 1.16 0.62
N VAL B 418 -23.60 0.27 -0.36
CA VAL B 418 -22.52 0.28 -1.35
C VAL B 418 -23.08 0.75 -2.68
N GLU B 419 -22.33 1.62 -3.36
CA GLU B 419 -22.60 1.94 -4.75
C GLU B 419 -21.87 0.93 -5.63
N GLY B 420 -22.56 0.46 -6.67
CA GLY B 420 -22.08 -0.70 -7.41
C GLY B 420 -21.06 -0.43 -8.48
N ASN B 421 -20.91 0.83 -8.89
CA ASN B 421 -19.97 1.15 -9.97
C ASN B 421 -18.53 0.94 -9.53
N SER B 422 -18.13 1.55 -8.40
CA SER B 422 -16.80 1.40 -7.86
C SER B 422 -16.79 0.57 -6.57
N ASN B 423 -17.95 0.12 -6.09
CA ASN B 423 -18.06 -0.67 -4.87
C ASN B 423 -17.55 0.09 -3.65
N ALA B 424 -17.76 1.40 -3.64
CA ALA B 424 -17.44 2.22 -2.48
C ALA B 424 -18.59 2.19 -1.48
N ILE B 425 -18.26 1.94 -0.21
CA ILE B 425 -19.26 2.03 0.85
C ILE B 425 -19.60 3.50 1.07
N LEU B 426 -20.87 3.87 0.80
CA LEU B 426 -21.28 5.25 1.02
C LEU B 426 -21.54 5.52 2.50
N MET B 427 -22.18 4.59 3.19
CA MET B 427 -22.37 4.67 4.63
C MET B 427 -22.56 3.27 5.16
N LEU B 428 -22.20 3.06 6.42
CA LEU B 428 -22.38 1.78 7.07
C LEU B 428 -22.65 2.01 8.54
N GLY B 429 -23.26 1.02 9.17
CA GLY B 429 -23.64 1.17 10.56
C GLY B 429 -24.31 -0.09 11.09
N LYS B 430 -24.91 0.04 12.26
CA LYS B 430 -25.64 -1.04 12.88
C LYS B 430 -26.92 -0.49 13.50
N ILE B 431 -27.95 -1.32 13.50
CA ILE B 431 -29.25 -0.97 14.03
C ILE B 431 -29.45 -1.77 15.32
N ILE B 432 -29.52 -1.07 16.44
CA ILE B 432 -29.86 -1.67 17.72
C ILE B 432 -31.34 -1.52 18.02
N ASN B 433 -31.93 -0.38 17.66
CA ASN B 433 -33.35 -0.13 17.80
C ASN B 433 -33.85 0.65 16.59
N PRO B 434 -34.62 0.03 15.70
CA PRO B 434 -35.01 0.72 14.46
C PRO B 434 -35.77 2.02 14.66
N THR B 435 -36.42 2.23 15.80
CA THR B 435 -37.21 3.43 16.05
C THR B 435 -36.62 4.29 17.16
N ALA B 436 -35.37 4.07 17.54
CA ALA B 436 -34.75 4.84 18.61
C ALA B 436 -34.71 6.33 18.29
#